data_5Y6J
#
_entry.id   5Y6J
#
_cell.length_a   55.364
_cell.length_b   76.514
_cell.length_c   98.440
_cell.angle_alpha   90.00
_cell.angle_beta   93.55
_cell.angle_gamma   90.00
#
_symmetry.space_group_name_H-M   'P 1 21 1'
#
loop_
_entity.id
_entity.type
_entity.pdbx_description
1 polymer Nucleoprotein
2 water water
#
_entity_poly.entity_id   1
_entity_poly.type   'polypeptide(L)'
_entity_poly.pdbx_seq_one_letter_code
;MSKVKLTKENIVALLTQGKDLEFEEDQNLVAFNFKTFCLENLDQIKKMSIISCLTFLKNRQSIMKVIKQSDFTFGKITIK
KTSDRIGATDMTFAALDSLIRVRLVEETGNSENLNTIKSKIASHPLIQAYGLPLDDAKSVRLAIMLGGSLPLIASVDSFE
MISVVLAIYQDAKYKDLGIDQKKYDTREALGKVCTVLKSKAFEMNEDQVKKGKEYAAILSSSNPNAKGSIAMEHYSETLN
KFYEMFGVKKQAKLAELA
;
_entity_poly.pdbx_strand_id   A,B,C
#
# COMPACT_ATOMS: atom_id res chain seq x y z
N LYS A 3 5.14 -20.77 -11.17
CA LYS A 3 4.21 -21.32 -12.15
C LYS A 3 4.37 -22.83 -12.25
N VAL A 4 3.32 -23.56 -12.64
CA VAL A 4 2.03 -23.00 -13.05
C VAL A 4 1.17 -22.63 -11.84
N LYS A 5 0.02 -21.99 -12.10
CA LYS A 5 -0.88 -21.64 -11.01
C LYS A 5 -1.50 -22.87 -10.38
N LEU A 6 -1.77 -23.90 -11.17
CA LEU A 6 -2.45 -25.09 -10.68
C LEU A 6 -1.53 -26.11 -10.03
N THR A 7 -0.22 -26.06 -10.30
CA THR A 7 0.73 -26.93 -9.60
C THR A 7 1.29 -26.29 -8.35
N LYS A 8 0.81 -25.11 -7.97
CA LYS A 8 1.10 -24.59 -6.64
C LYS A 8 0.12 -25.09 -5.60
N GLU A 9 -1.09 -25.48 -6.01
CA GLU A 9 -1.98 -26.18 -5.09
C GLU A 9 -1.56 -27.62 -4.90
N ASN A 10 -1.00 -28.25 -5.94
CA ASN A 10 -0.35 -29.54 -5.77
C ASN A 10 0.73 -29.46 -4.72
N ILE A 11 1.51 -28.38 -4.76
CA ILE A 11 2.67 -28.23 -3.89
C ILE A 11 2.22 -28.03 -2.44
N VAL A 12 1.16 -27.26 -2.22
CA VAL A 12 0.68 -27.08 -0.85
C VAL A 12 -0.11 -28.30 -0.38
N ALA A 13 -0.78 -29.01 -1.30
CA ALA A 13 -1.38 -30.29 -0.93
C ALA A 13 -0.34 -31.32 -0.61
N LEU A 14 0.91 -31.08 -1.01
CA LEU A 14 2.02 -31.99 -0.85
C LEU A 14 2.82 -31.77 0.42
N LEU A 15 2.52 -30.69 1.17
CA LEU A 15 3.21 -30.23 2.38
C LEU A 15 4.47 -29.44 2.02
N THR A 16 4.64 -29.07 0.75
CA THR A 16 5.89 -28.45 0.31
C THR A 16 5.75 -26.94 0.16
N GLN A 17 6.86 -26.25 0.41
CA GLN A 17 6.93 -24.79 0.40
C GLN A 17 7.42 -24.28 -0.96
N GLY A 18 7.24 -22.99 -1.19
CA GLY A 18 7.62 -22.37 -2.45
C GLY A 18 8.86 -21.49 -2.37
N ASP A 26 17.11 -16.75 -3.29
CA ASP A 26 18.14 -17.72 -2.95
C ASP A 26 19.30 -17.02 -2.23
N GLN A 27 19.51 -15.75 -2.58
CA GLN A 27 20.33 -14.81 -1.83
C GLN A 27 21.77 -15.25 -1.59
N ASN A 28 21.97 -16.33 -0.83
CA ASN A 28 23.33 -16.78 -0.55
C ASN A 28 24.08 -17.21 -1.81
N LEU A 29 23.36 -17.55 -2.88
CA LEU A 29 23.97 -18.06 -4.10
C LEU A 29 24.16 -16.99 -5.18
N VAL A 30 23.29 -15.98 -5.23
CA VAL A 30 23.28 -15.05 -6.35
C VAL A 30 24.60 -14.30 -6.46
N ALA A 31 25.24 -13.99 -5.32
CA ALA A 31 26.56 -13.38 -5.36
C ALA A 31 27.53 -14.25 -6.15
N PHE A 32 27.46 -15.55 -5.94
CA PHE A 32 28.30 -16.50 -6.64
C PHE A 32 27.82 -16.71 -8.08
N ASN A 33 26.51 -16.62 -8.31
CA ASN A 33 25.97 -16.78 -9.65
C ASN A 33 25.98 -15.49 -10.46
N PHE A 34 26.01 -14.33 -9.81
CA PHE A 34 26.22 -13.07 -10.53
C PHE A 34 27.69 -12.83 -10.83
N LYS A 35 28.59 -13.43 -10.06
CA LYS A 35 30.01 -13.41 -10.43
C LYS A 35 30.25 -14.24 -11.68
N THR A 36 29.55 -15.38 -11.80
CA THR A 36 29.60 -16.13 -13.04
C THR A 36 29.08 -15.30 -14.20
N PHE A 37 27.91 -14.67 -14.03
CA PHE A 37 27.33 -13.84 -15.08
C PHE A 37 28.31 -12.77 -15.56
N CYS A 38 29.02 -12.14 -14.63
CA CYS A 38 29.96 -11.08 -15.00
C CYS A 38 31.10 -11.63 -15.85
N LEU A 39 31.73 -12.72 -15.40
CA LEU A 39 32.91 -13.25 -16.08
C LEU A 39 32.61 -13.58 -17.54
N GLU A 40 31.44 -14.16 -17.82
CA GLU A 40 31.11 -14.55 -19.19
C GLU A 40 30.76 -13.34 -20.06
N ASN A 41 30.19 -12.29 -19.47
CA ASN A 41 29.57 -11.23 -20.25
C ASN A 41 30.23 -9.86 -20.11
N LEU A 42 31.25 -9.72 -19.26
CA LEU A 42 31.88 -8.42 -19.09
C LEU A 42 32.47 -7.90 -20.40
N ASP A 43 33.10 -8.78 -21.17
CA ASP A 43 33.68 -8.39 -22.45
C ASP A 43 32.64 -7.77 -23.37
N GLN A 44 31.45 -8.38 -23.42
CA GLN A 44 30.39 -7.88 -24.30
C GLN A 44 29.89 -6.51 -23.85
N ILE A 45 29.93 -6.24 -22.55
CA ILE A 45 29.44 -4.95 -22.05
C ILE A 45 30.52 -3.88 -22.13
N LYS A 46 31.80 -4.27 -22.00
CA LYS A 46 32.87 -3.30 -22.20
C LYS A 46 33.01 -2.89 -23.66
N LYS A 47 32.28 -3.54 -24.56
CA LYS A 47 32.34 -3.27 -25.99
C LYS A 47 31.30 -2.24 -26.44
N MET A 48 30.29 -1.96 -25.63
CA MET A 48 29.34 -0.91 -25.96
C MET A 48 29.81 0.43 -25.41
N SER A 49 29.32 1.50 -26.02
CA SER A 49 29.79 2.84 -25.71
C SER A 49 29.25 3.32 -24.36
N ILE A 50 29.88 4.36 -23.84
CA ILE A 50 29.41 4.98 -22.60
C ILE A 50 28.05 5.62 -22.81
N ILE A 51 27.86 6.30 -23.95
CA ILE A 51 26.57 6.93 -24.25
C ILE A 51 25.48 5.87 -24.33
N SER A 52 25.79 4.72 -24.92
CA SER A 52 24.82 3.63 -24.98
C SER A 52 24.50 3.12 -23.57
N CYS A 53 25.52 2.91 -22.75
CA CYS A 53 25.30 2.42 -21.39
C CYS A 53 24.38 3.34 -20.61
N LEU A 54 24.55 4.66 -20.77
CA LEU A 54 23.67 5.60 -20.08
C LEU A 54 22.25 5.54 -20.66
N THR A 55 22.13 5.34 -21.97
CA THR A 55 20.80 5.25 -22.58
C THR A 55 20.05 4.03 -22.08
N PHE A 56 20.75 2.94 -21.78
CA PHE A 56 20.11 1.79 -21.16
C PHE A 56 19.53 2.17 -19.80
N LEU A 57 20.35 2.80 -18.95
CA LEU A 57 19.89 3.20 -17.62
C LEU A 57 18.69 4.13 -17.72
N LYS A 58 18.80 5.17 -18.55
CA LYS A 58 17.72 6.14 -18.69
C LYS A 58 16.41 5.49 -19.14
N ASN A 59 16.51 4.51 -20.04
CA ASN A 59 15.34 3.93 -20.70
C ASN A 59 15.00 2.53 -20.19
N ARG A 60 15.46 2.18 -18.98
CA ARG A 60 15.48 0.77 -18.57
C ARG A 60 14.11 0.12 -18.67
N GLN A 61 13.07 0.77 -18.12
CA GLN A 61 11.77 0.13 -18.05
C GLN A 61 11.12 0.04 -19.43
N SER A 62 11.21 1.10 -20.22
CA SER A 62 10.75 1.03 -21.61
C SER A 62 11.47 -0.06 -22.37
N ILE A 63 12.78 -0.20 -22.12
CA ILE A 63 13.53 -1.32 -22.70
C ILE A 63 13.00 -2.65 -22.18
N MET A 64 12.65 -2.69 -20.90
CA MET A 64 12.19 -3.94 -20.30
C MET A 64 10.89 -4.42 -20.93
N LYS A 65 9.95 -3.50 -21.18
CA LYS A 65 8.65 -3.91 -21.70
C LYS A 65 8.71 -4.33 -23.16
N VAL A 66 9.75 -3.95 -23.89
CA VAL A 66 9.88 -4.39 -25.29
C VAL A 66 10.37 -5.83 -25.36
N ILE A 67 11.39 -6.14 -24.63
CA ILE A 67 11.90 -7.46 -24.59
C ILE A 67 10.82 -8.38 -24.06
N LYS A 68 10.48 -8.14 -22.82
CA LYS A 68 9.55 -8.96 -22.04
C LYS A 68 8.72 -10.05 -22.71
N GLN A 69 7.87 -9.68 -23.64
CA GLN A 69 7.03 -10.69 -24.26
C GLN A 69 7.54 -11.08 -25.63
N SER A 70 8.75 -11.64 -25.67
CA SER A 70 9.36 -12.30 -26.82
C SER A 70 10.71 -12.71 -26.27
N ASP A 71 11.31 -13.76 -26.83
CA ASP A 71 12.62 -14.20 -26.36
C ASP A 71 13.58 -13.27 -27.08
N PHE A 72 14.65 -12.90 -26.39
CA PHE A 72 15.52 -11.82 -26.83
C PHE A 72 16.96 -12.25 -26.70
N THR A 73 17.68 -12.27 -27.83
CA THR A 73 19.08 -12.68 -27.86
C THR A 73 19.92 -11.54 -28.42
N PHE A 74 21.03 -11.25 -27.74
CA PHE A 74 22.01 -10.26 -28.22
C PHE A 74 23.39 -10.80 -27.88
N GLY A 75 24.16 -11.16 -28.90
CA GLY A 75 25.46 -11.75 -28.65
C GLY A 75 25.34 -13.06 -27.91
N LYS A 76 25.98 -13.15 -26.75
CA LYS A 76 25.95 -14.38 -25.97
C LYS A 76 24.65 -14.54 -25.20
N ILE A 77 24.18 -13.47 -24.57
CA ILE A 77 23.07 -13.54 -23.62
C ILE A 77 21.75 -13.69 -24.38
N THR A 78 20.84 -14.48 -23.81
CA THR A 78 19.47 -14.57 -24.28
C THR A 78 18.55 -14.50 -23.08
N ILE A 79 17.61 -13.57 -23.09
CA ILE A 79 16.74 -13.30 -21.95
C ILE A 79 15.36 -13.90 -22.23
N LYS A 80 14.91 -14.78 -21.35
CA LYS A 80 13.69 -15.53 -21.59
C LYS A 80 12.46 -14.63 -21.41
N LYS A 81 11.29 -15.23 -21.60
CA LYS A 81 10.03 -14.49 -21.66
C LYS A 81 9.39 -14.42 -20.27
N THR A 82 8.11 -14.05 -20.23
CA THR A 82 7.37 -13.95 -18.97
C THR A 82 6.29 -15.02 -18.90
N THR A 89 10.57 -15.25 -10.97
CA THR A 89 11.19 -13.99 -11.39
C THR A 89 12.54 -14.25 -12.04
N ASP A 90 12.70 -13.76 -13.27
CA ASP A 90 13.94 -13.90 -14.02
C ASP A 90 14.89 -12.76 -13.66
N MET A 91 16.03 -13.09 -13.08
CA MET A 91 17.03 -12.09 -12.69
C MET A 91 18.14 -11.95 -13.72
N THR A 92 17.82 -12.12 -15.01
CA THR A 92 18.82 -11.96 -16.06
C THR A 92 18.88 -10.51 -16.55
N PHE A 93 17.72 -9.90 -16.82
CA PHE A 93 17.71 -8.49 -17.16
C PHE A 93 18.23 -7.63 -16.01
N ALA A 94 18.03 -8.09 -14.77
CA ALA A 94 18.59 -7.36 -13.63
C ALA A 94 20.11 -7.48 -13.58
N ALA A 95 20.64 -8.64 -13.96
CA ALA A 95 22.09 -8.81 -13.98
C ALA A 95 22.74 -7.99 -15.08
N LEU A 96 22.14 -7.99 -16.27
CA LEU A 96 22.62 -7.14 -17.35
C LEU A 96 22.56 -5.67 -16.95
N ASP A 97 21.43 -5.25 -16.38
CA ASP A 97 21.30 -3.88 -15.88
C ASP A 97 22.38 -3.57 -14.85
N SER A 98 22.66 -4.54 -13.96
CA SER A 98 23.62 -4.30 -12.90
C SER A 98 25.05 -4.21 -13.44
N LEU A 99 25.39 -5.07 -14.40
CA LEU A 99 26.75 -5.05 -14.94
C LEU A 99 27.00 -3.84 -15.83
N ILE A 100 25.96 -3.36 -16.53
CA ILE A 100 26.08 -2.09 -17.24
C ILE A 100 26.41 -0.98 -16.24
N ARG A 101 25.77 -1.00 -15.07
CA ARG A 101 26.08 -0.02 -14.03
C ARG A 101 27.49 -0.19 -13.51
N VAL A 102 27.94 -1.44 -13.33
CA VAL A 102 29.26 -1.68 -12.77
C VAL A 102 30.35 -1.20 -13.74
N ARG A 103 30.17 -1.46 -15.04
CA ARG A 103 31.09 -0.91 -16.03
C ARG A 103 31.11 0.61 -15.98
N LEU A 104 29.93 1.22 -15.98
CA LEU A 104 29.83 2.69 -15.96
C LEU A 104 30.54 3.28 -14.76
N VAL A 105 30.42 2.63 -13.60
CA VAL A 105 31.10 3.11 -12.39
C VAL A 105 32.61 3.01 -12.57
N GLU A 106 33.08 1.91 -13.13
CA GLU A 106 34.52 1.74 -13.35
C GLU A 106 35.05 2.79 -14.32
N GLU A 107 34.22 3.27 -15.24
CA GLU A 107 34.65 4.31 -16.17
C GLU A 107 34.74 5.68 -15.52
N THR A 108 34.30 5.83 -14.27
CA THR A 108 34.42 7.11 -13.57
C THR A 108 35.83 7.35 -13.06
N GLY A 109 36.80 6.50 -13.42
CA GLY A 109 38.19 6.77 -13.15
C GLY A 109 38.80 7.62 -14.23
N ASN A 110 38.48 7.32 -15.48
CA ASN A 110 38.90 8.16 -16.61
C ASN A 110 38.17 9.49 -16.56
N SER A 111 38.94 10.58 -16.50
CA SER A 111 38.36 11.88 -16.17
C SER A 111 37.42 12.40 -17.26
N GLU A 112 37.64 11.99 -18.52
CA GLU A 112 36.77 12.43 -19.61
C GLU A 112 35.53 11.55 -19.71
N ASN A 113 35.67 10.26 -19.41
CA ASN A 113 34.50 9.40 -19.26
C ASN A 113 33.59 9.90 -18.13
N LEU A 114 34.20 10.24 -16.99
CA LEU A 114 33.43 10.78 -15.87
C LEU A 114 32.73 12.07 -16.27
N ASN A 115 33.43 12.92 -17.02
CA ASN A 115 32.85 14.18 -17.47
C ASN A 115 31.58 13.93 -18.28
N THR A 116 31.70 13.17 -19.37
CA THR A 116 30.56 12.93 -20.24
C THR A 116 29.46 12.17 -19.52
N ILE A 117 29.81 11.30 -18.57
CA ILE A 117 28.79 10.63 -17.78
C ILE A 117 28.07 11.63 -16.89
N LYS A 118 28.83 12.50 -16.22
CA LYS A 118 28.22 13.49 -15.31
C LYS A 118 27.29 14.42 -16.07
N SER A 119 27.71 14.91 -17.24
CA SER A 119 26.91 15.83 -18.03
C SER A 119 25.72 15.14 -18.69
N LYS A 120 25.75 13.82 -18.82
CA LYS A 120 24.64 13.10 -19.41
C LYS A 120 23.67 12.57 -18.37
N ILE A 121 24.19 12.04 -17.25
CA ILE A 121 23.30 11.46 -16.25
C ILE A 121 22.55 12.52 -15.46
N ALA A 122 22.99 13.78 -15.51
CA ALA A 122 22.25 14.85 -14.87
C ALA A 122 20.88 15.05 -15.50
N SER A 123 20.72 14.66 -16.77
CA SER A 123 19.43 14.69 -17.45
C SER A 123 18.55 13.51 -17.10
N HIS A 124 19.02 12.57 -16.28
CA HIS A 124 18.24 11.39 -15.96
C HIS A 124 17.15 11.73 -14.93
N PRO A 125 15.96 11.17 -15.09
CA PRO A 125 14.86 11.47 -14.15
C PRO A 125 15.17 11.21 -12.70
N LEU A 126 15.59 9.98 -12.37
CA LEU A 126 15.82 9.63 -10.97
C LEU A 126 16.86 10.53 -10.32
N ILE A 127 17.89 10.91 -11.08
CA ILE A 127 18.89 11.84 -10.55
C ILE A 127 18.25 13.18 -10.21
N GLN A 128 17.38 13.67 -11.11
CA GLN A 128 16.59 14.85 -10.79
C GLN A 128 15.62 14.57 -9.65
N ALA A 129 14.94 13.43 -9.70
CA ALA A 129 13.97 13.08 -8.66
C ALA A 129 14.65 13.03 -7.30
N TYR A 130 15.75 12.30 -7.18
CA TYR A 130 16.50 12.25 -5.93
C TYR A 130 17.12 13.60 -5.57
N GLY A 131 17.20 14.53 -6.52
CA GLY A 131 17.89 15.78 -6.27
C GLY A 131 19.33 15.60 -5.90
N LEU A 132 20.00 14.63 -6.51
CA LEU A 132 21.36 14.27 -6.13
C LEU A 132 22.36 15.27 -6.75
N PRO A 133 23.13 15.98 -5.96
CA PRO A 133 24.10 16.96 -6.53
C PRO A 133 25.30 16.26 -7.09
N LEU A 134 25.58 16.49 -8.37
CA LEU A 134 26.69 15.87 -9.07
C LEU A 134 27.99 16.50 -9.53
N ASP A 135 29.05 16.30 -8.75
CA ASP A 135 30.28 17.10 -8.78
C ASP A 135 31.48 16.19 -8.93
N ASP A 136 31.90 15.56 -7.84
CA ASP A 136 33.08 14.70 -7.83
C ASP A 136 32.72 13.32 -8.38
N ALA A 137 33.74 12.45 -8.45
CA ALA A 137 33.52 11.11 -8.98
C ALA A 137 32.65 10.28 -8.06
N LYS A 138 32.78 10.43 -6.74
CA LYS A 138 31.98 9.66 -5.80
C LYS A 138 30.49 9.92 -5.99
N SER A 139 30.12 11.15 -6.35
CA SER A 139 28.71 11.48 -6.54
C SER A 139 28.15 10.92 -7.84
N VAL A 140 28.98 10.87 -8.89
CA VAL A 140 28.52 10.34 -10.17
C VAL A 140 28.33 8.82 -10.08
N ARG A 141 29.19 8.14 -9.33
CA ARG A 141 28.99 6.71 -9.13
C ARG A 141 27.65 6.41 -8.48
N LEU A 142 27.27 7.19 -7.46
CA LEU A 142 25.97 7.02 -6.82
C LEU A 142 24.84 7.40 -7.75
N ALA A 143 25.10 8.34 -8.66
CA ALA A 143 24.14 8.62 -9.72
C ALA A 143 23.94 7.41 -10.61
N ILE A 144 25.03 6.69 -10.91
CA ILE A 144 24.92 5.46 -11.69
C ILE A 144 24.16 4.41 -10.91
N MET A 145 24.24 4.43 -9.57
CA MET A 145 23.63 3.39 -8.76
C MET A 145 22.13 3.51 -8.65
N LEU A 146 21.60 4.74 -8.72
CA LEU A 146 20.18 4.98 -8.44
C LEU A 146 19.29 4.11 -9.31
N GLY A 147 18.34 3.43 -8.67
CA GLY A 147 17.43 2.53 -9.33
C GLY A 147 17.96 1.13 -9.57
N GLY A 148 19.20 0.85 -9.16
CA GLY A 148 19.80 -0.43 -9.47
C GLY A 148 19.43 -1.51 -8.46
N SER A 149 19.41 -2.75 -8.96
CA SER A 149 19.20 -3.91 -8.10
C SER A 149 20.35 -4.00 -7.10
N LEU A 150 20.13 -3.45 -5.91
CA LEU A 150 21.24 -3.27 -4.97
C LEU A 150 21.88 -4.56 -4.48
N PRO A 151 21.16 -5.66 -4.23
CA PRO A 151 21.87 -6.88 -3.81
C PRO A 151 22.90 -7.39 -4.80
N LEU A 152 22.54 -7.48 -6.09
CA LEU A 152 23.46 -8.01 -7.10
C LEU A 152 24.74 -7.18 -7.16
N ILE A 153 24.62 -5.85 -7.09
CA ILE A 153 25.80 -5.01 -7.20
C ILE A 153 26.65 -5.10 -5.95
N ALA A 154 26.03 -5.32 -4.79
CA ALA A 154 26.79 -5.44 -3.54
C ALA A 154 27.78 -6.59 -3.60
N SER A 155 27.49 -7.64 -4.37
CA SER A 155 28.35 -8.80 -4.44
C SER A 155 29.67 -8.52 -5.14
N VAL A 156 29.77 -7.41 -5.85
CA VAL A 156 30.99 -7.05 -6.56
C VAL A 156 31.92 -6.31 -5.61
N ASP A 157 33.22 -6.63 -5.70
CA ASP A 157 34.19 -6.06 -4.77
C ASP A 157 34.30 -4.55 -4.96
N SER A 158 34.50 -3.85 -3.84
CA SER A 158 34.55 -2.41 -3.67
C SER A 158 33.16 -1.77 -3.76
N PHE A 159 32.12 -2.53 -4.12
CA PHE A 159 30.77 -2.01 -4.21
C PHE A 159 29.94 -2.23 -2.95
N GLU A 160 30.48 -2.99 -1.99
CA GLU A 160 29.71 -3.33 -0.79
C GLU A 160 29.27 -2.07 -0.05
N MET A 161 30.18 -1.12 0.14
CA MET A 161 29.86 0.08 0.92
C MET A 161 28.87 0.96 0.17
N ILE A 162 29.06 1.14 -1.15
CA ILE A 162 28.18 2.04 -1.88
C ILE A 162 26.78 1.47 -2.00
N SER A 163 26.65 0.14 -2.05
CA SER A 163 25.34 -0.47 -2.19
C SER A 163 24.59 -0.52 -0.87
N VAL A 164 25.30 -0.73 0.24
CA VAL A 164 24.64 -0.80 1.54
C VAL A 164 24.22 0.58 1.99
N VAL A 165 25.04 1.60 1.72
CA VAL A 165 24.73 2.95 2.19
C VAL A 165 23.55 3.53 1.40
N LEU A 166 23.54 3.33 0.08
CA LEU A 166 22.39 3.77 -0.71
C LEU A 166 21.13 3.01 -0.28
N ALA A 167 21.25 1.71 -0.02
CA ALA A 167 20.10 0.95 0.47
C ALA A 167 19.58 1.51 1.78
N ILE A 168 20.45 2.06 2.61
CA ILE A 168 20.02 2.69 3.85
C ILE A 168 19.38 4.05 3.57
N TYR A 169 19.96 4.81 2.66
CA TYR A 169 19.37 6.09 2.27
C TYR A 169 17.99 5.88 1.64
N GLN A 170 17.82 4.80 0.88
CA GLN A 170 16.51 4.50 0.31
C GLN A 170 15.52 4.07 1.38
N ASP A 171 16.00 3.53 2.50
CA ASP A 171 15.09 3.18 3.60
C ASP A 171 14.79 4.38 4.48
N ALA A 172 15.76 5.28 4.66
CA ALA A 172 15.57 6.46 5.48
C ALA A 172 14.56 7.41 4.87
N LYS A 173 14.94 8.06 3.77
CA LYS A 173 14.07 9.01 3.07
C LYS A 173 13.20 8.33 2.01
N TYR A 174 12.60 7.18 2.35
CA TYR A 174 11.90 6.40 1.34
C TYR A 174 10.67 7.12 0.79
N LYS A 175 10.07 8.01 1.59
CA LYS A 175 8.90 8.74 1.10
C LYS A 175 9.31 9.97 0.29
N ASP A 176 10.38 10.66 0.73
CA ASP A 176 10.88 11.80 -0.04
C ASP A 176 11.32 11.38 -1.43
N LEU A 177 11.71 10.12 -1.61
CA LEU A 177 12.14 9.60 -2.90
C LEU A 177 11.02 8.90 -3.64
N GLY A 178 9.77 9.10 -3.22
CA GLY A 178 8.61 8.52 -3.90
C GLY A 178 8.55 7.02 -3.92
N ILE A 179 9.32 6.33 -3.08
CA ILE A 179 9.35 4.87 -3.10
C ILE A 179 8.09 4.34 -2.43
N ASP A 180 7.39 3.45 -3.14
CA ASP A 180 6.19 2.81 -2.62
C ASP A 180 6.57 1.44 -2.09
N GLN A 181 6.34 1.22 -0.80
CA GLN A 181 6.75 -0.02 -0.16
C GLN A 181 5.95 -1.23 -0.65
N LYS A 182 4.80 -1.01 -1.28
CA LYS A 182 4.09 -2.12 -1.92
C LYS A 182 4.89 -2.67 -3.10
N LYS A 183 5.64 -1.80 -3.78
CA LYS A 183 6.45 -2.21 -4.94
C LYS A 183 7.88 -2.55 -4.54
N TYR A 184 8.50 -1.76 -3.66
CA TYR A 184 9.88 -1.94 -3.26
C TYR A 184 9.96 -1.88 -1.74
N ASP A 185 10.11 -3.04 -1.10
CA ASP A 185 10.31 -3.10 0.34
C ASP A 185 11.74 -2.67 0.65
N THR A 186 11.89 -1.54 1.33
CA THR A 186 13.21 -0.96 1.52
C THR A 186 14.05 -1.77 2.51
N ARG A 187 13.47 -2.14 3.65
CA ARG A 187 14.22 -2.92 4.63
C ARG A 187 14.48 -4.34 4.12
N GLU A 188 13.58 -4.89 3.30
CA GLU A 188 13.85 -6.18 2.68
C GLU A 188 15.06 -6.11 1.76
N ALA A 189 15.15 -5.03 0.97
CA ALA A 189 16.31 -4.84 0.11
C ALA A 189 17.59 -4.72 0.92
N LEU A 190 17.57 -3.89 1.97
CA LEU A 190 18.74 -3.74 2.82
C LEU A 190 19.11 -5.04 3.50
N GLY A 191 18.12 -5.86 3.85
CA GLY A 191 18.41 -7.17 4.40
C GLY A 191 19.10 -8.08 3.40
N LYS A 192 18.66 -8.04 2.14
CA LYS A 192 19.33 -8.80 1.09
C LYS A 192 20.76 -8.32 0.89
N VAL A 193 20.96 -7.00 0.87
CA VAL A 193 22.31 -6.46 0.67
C VAL A 193 23.23 -6.89 1.80
N CYS A 194 22.71 -6.93 3.03
CA CYS A 194 23.52 -7.38 4.17
C CYS A 194 23.79 -8.88 4.08
N THR A 195 22.81 -9.66 3.61
CA THR A 195 23.02 -11.10 3.45
C THR A 195 24.06 -11.38 2.39
N VAL A 196 24.05 -10.60 1.30
CA VAL A 196 25.06 -10.76 0.26
C VAL A 196 26.44 -10.42 0.80
N LEU A 197 26.55 -9.31 1.52
CA LEU A 197 27.84 -8.89 2.07
C LEU A 197 28.40 -9.93 3.03
N LYS A 198 27.55 -10.46 3.91
CA LYS A 198 28.00 -11.50 4.83
C LYS A 198 28.41 -12.76 4.08
N SER A 199 27.70 -13.09 3.01
CA SER A 199 28.04 -14.28 2.22
C SER A 199 29.47 -14.21 1.70
N LYS A 200 29.96 -13.01 1.40
CA LYS A 200 31.34 -12.83 0.98
C LYS A 200 32.30 -12.72 2.17
N ALA A 201 31.79 -12.82 3.40
CA ALA A 201 32.56 -12.57 4.61
C ALA A 201 33.17 -11.17 4.61
N PHE A 202 32.54 -10.23 3.93
CA PHE A 202 33.06 -8.86 3.85
C PHE A 202 33.11 -8.22 5.24
N GLU A 203 34.15 -7.42 5.49
CA GLU A 203 34.37 -6.80 6.78
C GLU A 203 34.16 -5.30 6.66
N MET A 204 33.29 -4.77 7.51
CA MET A 204 33.09 -3.31 7.59
C MET A 204 34.15 -2.70 8.52
N ASN A 205 35.41 -2.80 8.09
CA ASN A 205 36.49 -2.16 8.80
C ASN A 205 36.32 -0.65 8.75
N GLU A 206 37.09 0.04 9.59
CA GLU A 206 36.93 1.50 9.71
C GLU A 206 37.20 2.20 8.38
N ASP A 207 38.10 1.66 7.55
CA ASP A 207 38.34 2.23 6.23
C ASP A 207 37.11 2.13 5.36
N GLN A 208 36.50 0.94 5.32
CA GLN A 208 35.27 0.77 4.55
C GLN A 208 34.16 1.68 5.08
N VAL A 209 34.13 1.90 6.40
CA VAL A 209 33.08 2.73 6.99
C VAL A 209 33.22 4.17 6.52
N LYS A 210 34.47 4.66 6.41
CA LYS A 210 34.70 6.03 5.96
C LYS A 210 34.43 6.15 4.46
N LYS A 211 34.88 5.17 3.66
CA LYS A 211 34.51 5.14 2.25
C LYS A 211 33.00 5.29 2.08
N GLY A 212 32.24 4.57 2.90
CA GLY A 212 30.79 4.74 2.90
C GLY A 212 30.35 6.07 3.50
N LYS A 213 31.16 6.64 4.40
CA LYS A 213 30.78 7.90 5.03
C LYS A 213 30.82 9.05 4.02
N GLU A 214 31.84 9.09 3.15
CA GLU A 214 31.87 10.10 2.11
C GLU A 214 30.70 9.95 1.15
N TYR A 215 30.36 8.70 0.81
CA TYR A 215 29.15 8.44 0.02
C TYR A 215 27.92 8.97 0.74
N ALA A 216 27.73 8.57 2.00
CA ALA A 216 26.55 8.96 2.75
C ALA A 216 26.47 10.47 2.93
N ALA A 217 27.61 11.14 3.04
CA ALA A 217 27.59 12.60 3.17
C ALA A 217 27.04 13.25 1.92
N ILE A 218 27.41 12.75 0.73
CA ILE A 218 26.91 13.31 -0.51
C ILE A 218 25.40 13.11 -0.63
N LEU A 219 24.91 11.93 -0.22
CA LEU A 219 23.49 11.63 -0.34
C LEU A 219 22.65 12.57 0.52
N SER A 220 23.20 13.04 1.65
CA SER A 220 22.42 13.89 2.54
C SER A 220 22.25 15.30 1.98
N SER A 221 23.23 15.79 1.20
CA SER A 221 23.08 17.10 0.57
C SER A 221 22.05 17.10 -0.53
N SER A 222 21.47 15.96 -0.87
CA SER A 222 20.47 15.92 -1.91
C SER A 222 19.23 16.71 -1.49
N ASN A 223 18.55 17.27 -2.49
CA ASN A 223 17.31 18.03 -2.28
C ASN A 223 16.19 17.28 -2.99
N PRO A 224 15.79 16.13 -2.48
CA PRO A 224 14.80 15.30 -3.19
C PRO A 224 13.43 15.94 -3.17
N ASN A 225 12.96 16.35 -4.33
CA ASN A 225 11.53 16.56 -4.50
C ASN A 225 10.91 15.26 -4.94
N ALA A 226 9.64 15.08 -4.62
CA ALA A 226 8.87 13.99 -5.20
C ALA A 226 8.34 14.47 -6.54
N LYS A 227 8.83 13.87 -7.63
CA LYS A 227 8.26 14.14 -8.94
C LYS A 227 6.85 13.56 -8.87
N GLY A 228 6.01 14.21 -8.07
CA GLY A 228 4.66 13.82 -7.76
C GLY A 228 4.02 15.15 -8.07
N SER A 229 4.15 16.06 -7.11
CA SER A 229 3.56 17.40 -7.13
C SER A 229 4.56 17.99 -6.15
N ILE A 230 5.60 18.66 -6.68
CA ILE A 230 6.17 19.78 -5.93
C ILE A 230 5.07 20.78 -5.66
N ALA A 231 4.08 20.84 -6.55
CA ALA A 231 2.92 21.71 -6.43
C ALA A 231 2.23 21.59 -5.08
N MET A 232 2.48 20.51 -4.33
CA MET A 232 2.02 20.47 -2.95
C MET A 232 2.73 21.52 -2.11
N GLU A 233 3.87 22.03 -2.59
CA GLU A 233 4.51 23.20 -2.00
C GLU A 233 4.33 24.44 -2.86
N HIS A 234 4.05 24.30 -4.16
CA HIS A 234 3.66 25.47 -4.95
C HIS A 234 2.39 26.11 -4.39
N TYR A 235 1.55 25.32 -3.72
CA TYR A 235 0.40 25.81 -2.98
C TYR A 235 0.65 25.83 -1.48
N SER A 236 1.92 25.77 -1.05
CA SER A 236 2.29 25.63 0.36
C SER A 236 1.53 26.55 1.31
N GLU A 237 1.72 27.86 1.18
CA GLU A 237 1.20 28.80 2.16
C GLU A 237 -0.29 28.59 2.39
N THR A 238 -1.05 28.41 1.30
CA THR A 238 -2.49 28.25 1.43
C THR A 238 -2.86 26.86 1.93
N LEU A 239 -2.16 25.82 1.47
CA LEU A 239 -2.40 24.49 2.01
C LEU A 239 -2.13 24.44 3.51
N ASN A 240 -1.12 25.18 3.97
CA ASN A 240 -0.84 25.26 5.40
C ASN A 240 -1.95 26.03 6.12
N LYS A 241 -2.56 27.00 5.45
CA LYS A 241 -3.65 27.77 6.04
C LYS A 241 -4.78 26.86 6.50
N PHE A 242 -5.20 25.93 5.64
CA PHE A 242 -6.31 25.05 5.97
C PHE A 242 -5.91 24.01 7.01
N TYR A 243 -4.67 23.51 6.93
CA TYR A 243 -4.19 22.56 7.92
C TYR A 243 -4.28 23.14 9.33
N GLU A 244 -4.04 24.45 9.47
CA GLU A 244 -4.13 25.11 10.77
C GLU A 244 -5.52 24.92 11.39
N MET A 245 -6.57 25.10 10.59
CA MET A 245 -7.92 25.13 11.13
C MET A 245 -8.32 23.78 11.70
N PHE A 246 -7.82 22.68 11.12
CA PHE A 246 -8.17 21.35 11.60
C PHE A 246 -7.29 20.90 12.77
N GLY A 247 -6.27 21.66 13.13
CA GLY A 247 -5.42 21.28 14.24
C GLY A 247 -4.12 20.62 13.82
N VAL A 248 -3.46 21.20 12.82
CA VAL A 248 -2.16 20.70 12.34
C VAL A 248 -1.26 21.90 12.12
N LYS A 249 -0.06 21.87 12.70
CA LYS A 249 0.77 23.07 12.68
C LYS A 249 2.25 22.80 12.93
N LYS A 250 2.81 23.51 13.90
CA LYS A 250 4.23 23.77 14.04
C LYS A 250 4.79 22.80 15.08
N GLN A 251 5.95 23.11 15.62
CA GLN A 251 6.62 22.24 16.57
C GLN A 251 6.23 22.40 18.03
N ALA A 252 6.89 21.62 18.88
CA ALA A 252 6.53 21.51 20.28
C ALA A 252 7.67 21.91 21.22
N LYS A 253 7.78 21.18 22.32
CA LYS A 253 8.58 21.56 23.47
C LYS A 253 9.91 20.80 23.36
N LEU A 254 10.89 20.97 24.26
CA LEU A 254 10.80 21.15 25.71
C LEU A 254 11.31 22.48 26.26
N ALA A 255 10.38 23.14 26.93
CA ALA A 255 10.70 24.33 27.71
C ALA A 255 11.71 24.04 28.81
N GLU A 256 11.59 22.88 29.47
CA GLU A 256 12.36 22.61 30.70
C GLU A 256 13.87 22.85 30.55
N LEU A 257 14.46 22.40 29.44
CA LEU A 257 15.90 22.29 29.23
C LEU A 257 16.59 23.62 28.90
N ALA A 258 16.08 24.72 29.42
CA ALA A 258 16.80 25.99 29.34
C ALA A 258 16.41 26.94 30.46
N VAL B 4 -38.25 -0.80 -5.27
CA VAL B 4 -37.37 -1.10 -6.41
C VAL B 4 -36.15 -1.89 -5.97
N LYS B 5 -35.82 -2.92 -6.74
CA LYS B 5 -34.83 -3.90 -6.37
C LYS B 5 -33.60 -3.81 -7.25
N LEU B 6 -32.43 -4.05 -6.65
CA LEU B 6 -31.20 -3.98 -7.42
C LEU B 6 -31.08 -5.19 -8.33
N THR B 7 -31.46 -4.99 -9.59
CA THR B 7 -31.03 -5.89 -10.64
C THR B 7 -29.87 -5.19 -11.34
N LYS B 8 -29.55 -5.62 -12.56
CA LYS B 8 -28.61 -4.86 -13.36
C LYS B 8 -29.32 -3.88 -14.29
N GLU B 9 -30.52 -4.24 -14.74
CA GLU B 9 -31.32 -3.36 -15.60
C GLU B 9 -31.98 -2.23 -14.81
N ASN B 10 -32.25 -2.45 -13.53
CA ASN B 10 -32.67 -1.36 -12.66
C ASN B 10 -31.54 -0.35 -12.43
N ILE B 11 -30.30 -0.70 -12.76
CA ILE B 11 -29.20 0.26 -12.77
C ILE B 11 -29.06 0.95 -14.12
N VAL B 12 -29.41 0.27 -15.21
CA VAL B 12 -29.71 0.96 -16.46
C VAL B 12 -30.88 1.92 -16.25
N ALA B 13 -31.95 1.41 -15.62
CA ALA B 13 -33.11 2.25 -15.35
C ALA B 13 -32.77 3.40 -14.42
N LEU B 14 -31.86 3.18 -13.47
CA LEU B 14 -31.45 4.26 -12.57
C LEU B 14 -30.66 5.33 -13.32
N LEU B 15 -29.81 4.91 -14.26
CA LEU B 15 -28.98 5.82 -15.03
C LEU B 15 -29.68 6.40 -16.25
N THR B 16 -30.92 5.99 -16.55
CA THR B 16 -31.53 6.34 -17.83
C THR B 16 -32.89 6.97 -17.66
N GLN B 17 -33.82 6.27 -17.02
CA GLN B 17 -35.18 6.77 -16.85
C GLN B 17 -35.28 7.70 -15.65
N GLY B 18 -35.93 8.83 -15.84
CA GLY B 18 -35.94 9.89 -14.84
C GLY B 18 -36.94 9.77 -13.72
N LYS B 19 -37.35 8.55 -13.38
CA LYS B 19 -38.20 8.35 -12.21
C LYS B 19 -37.33 7.99 -10.99
N ASP B 20 -37.80 8.41 -9.82
CA ASP B 20 -37.08 8.15 -8.58
C ASP B 20 -37.01 6.65 -8.30
N LEU B 21 -35.81 6.16 -7.99
CA LEU B 21 -35.57 4.74 -7.74
C LEU B 21 -34.66 4.56 -6.52
N GLU B 22 -34.98 3.56 -5.69
CA GLU B 22 -34.19 3.17 -4.52
C GLU B 22 -34.14 1.65 -4.46
N PHE B 23 -33.14 1.09 -3.76
CA PHE B 23 -32.89 -0.35 -3.82
C PHE B 23 -33.27 -1.04 -2.52
N GLU B 24 -33.43 -2.36 -2.62
CA GLU B 24 -34.01 -3.08 -1.50
C GLU B 24 -33.23 -4.29 -0.98
N GLU B 25 -33.15 -5.41 -1.69
CA GLU B 25 -32.77 -6.65 -1.01
C GLU B 25 -31.38 -6.54 -0.42
N ASP B 26 -31.25 -7.04 0.81
CA ASP B 26 -30.25 -6.56 1.75
C ASP B 26 -30.28 -5.06 1.99
N GLN B 27 -31.24 -4.59 2.80
CA GLN B 27 -31.86 -3.28 2.71
C GLN B 27 -30.86 -2.16 2.45
N ASN B 28 -29.58 -2.41 2.69
CA ASN B 28 -28.54 -1.47 2.31
C ASN B 28 -27.55 -2.09 1.33
N LEU B 29 -27.96 -3.13 0.60
CA LEU B 29 -27.15 -3.76 -0.44
C LEU B 29 -25.77 -4.12 0.12
N VAL B 30 -25.79 -5.16 0.97
CA VAL B 30 -24.76 -5.42 1.98
C VAL B 30 -23.34 -5.34 1.44
N ALA B 31 -22.39 -5.06 2.33
CA ALA B 31 -21.06 -4.63 1.95
C ALA B 31 -20.00 -5.71 2.16
N PHE B 32 -19.88 -6.25 3.38
CA PHE B 32 -18.66 -6.91 3.79
C PHE B 32 -18.74 -8.27 4.49
N ASN B 33 -19.18 -8.24 5.74
CA ASN B 33 -19.37 -9.40 6.63
C ASN B 33 -18.55 -10.63 6.23
N PHE B 34 -17.31 -10.69 6.70
CA PHE B 34 -16.54 -11.93 6.56
C PHE B 34 -17.18 -13.06 7.36
N LYS B 35 -17.89 -12.73 8.44
CA LYS B 35 -18.62 -13.75 9.19
C LYS B 35 -19.59 -14.51 8.29
N THR B 36 -20.25 -13.79 7.38
CA THR B 36 -21.11 -14.46 6.41
C THR B 36 -20.27 -15.26 5.41
N PHE B 37 -19.29 -14.61 4.77
CA PHE B 37 -18.41 -15.30 3.83
C PHE B 37 -17.82 -16.56 4.45
N CYS B 38 -17.48 -16.50 5.73
CA CYS B 38 -17.01 -17.69 6.44
C CYS B 38 -18.06 -18.79 6.40
N LEU B 39 -19.27 -18.48 6.89
CA LEU B 39 -20.34 -19.46 7.00
C LEU B 39 -20.76 -20.06 5.66
N GLU B 40 -20.37 -19.47 4.53
CA GLU B 40 -20.76 -20.02 3.24
C GLU B 40 -19.68 -20.88 2.60
N ASN B 41 -18.43 -20.78 3.06
CA ASN B 41 -17.32 -21.47 2.43
C ASN B 41 -16.57 -22.42 3.36
N LEU B 42 -17.11 -22.67 4.56
CA LEU B 42 -16.38 -23.51 5.52
C LEU B 42 -16.32 -24.96 5.05
N ASP B 43 -17.48 -25.57 4.77
CA ASP B 43 -17.48 -26.94 4.31
C ASP B 43 -16.72 -27.08 2.99
N GLN B 44 -16.67 -26.04 2.17
CA GLN B 44 -15.92 -26.13 0.92
C GLN B 44 -14.42 -26.14 1.16
N ILE B 45 -13.97 -25.53 2.27
CA ILE B 45 -12.56 -25.57 2.62
C ILE B 45 -12.24 -26.82 3.43
N LYS B 46 -13.20 -27.32 4.21
CA LYS B 46 -13.00 -28.55 4.96
C LYS B 46 -12.75 -29.75 4.06
N LYS B 47 -13.27 -29.75 2.83
CA LYS B 47 -13.09 -30.87 1.91
C LYS B 47 -11.69 -30.97 1.34
N MET B 48 -10.69 -30.27 1.87
CA MET B 48 -9.30 -30.49 1.48
C MET B 48 -8.46 -30.63 2.74
N SER B 49 -7.26 -31.19 2.56
CA SER B 49 -6.48 -31.69 3.67
C SER B 49 -6.05 -30.59 4.63
N ILE B 50 -5.85 -30.96 5.89
CA ILE B 50 -5.27 -30.06 6.89
C ILE B 50 -3.88 -29.62 6.43
N ILE B 51 -3.12 -30.54 5.83
CA ILE B 51 -1.77 -30.24 5.39
C ILE B 51 -1.78 -29.16 4.32
N SER B 52 -2.78 -29.18 3.44
CA SER B 52 -2.91 -28.15 2.43
C SER B 52 -3.08 -26.78 3.07
N CYS B 53 -4.03 -26.66 4.01
CA CYS B 53 -4.29 -25.38 4.65
C CYS B 53 -3.11 -24.91 5.46
N LEU B 54 -2.49 -25.82 6.23
CA LEU B 54 -1.32 -25.47 7.02
C LEU B 54 -0.19 -24.95 6.13
N THR B 55 0.11 -25.67 5.05
CA THR B 55 1.16 -25.24 4.14
C THR B 55 0.78 -23.95 3.43
N PHE B 56 -0.52 -23.78 3.13
CA PHE B 56 -1.00 -22.50 2.63
C PHE B 56 -0.63 -21.38 3.60
N LEU B 57 -0.84 -21.61 4.89
CA LEU B 57 -0.56 -20.58 5.89
C LEU B 57 0.94 -20.32 6.01
N LYS B 58 1.75 -21.38 6.01
CA LYS B 58 3.20 -21.20 6.14
C LYS B 58 3.78 -20.43 4.97
N ASN B 59 3.22 -20.60 3.78
CA ASN B 59 3.74 -19.98 2.56
C ASN B 59 2.96 -18.73 2.17
N ARG B 60 2.26 -18.10 3.11
CA ARG B 60 1.35 -17.02 2.76
C ARG B 60 2.08 -15.82 2.17
N GLN B 61 3.33 -15.59 2.59
CA GLN B 61 4.12 -14.54 1.96
C GLN B 61 4.43 -14.88 0.51
N SER B 62 4.74 -16.15 0.22
CA SER B 62 5.01 -16.56 -1.15
C SER B 62 3.76 -16.44 -2.01
N ILE B 63 2.59 -16.77 -1.45
CA ILE B 63 1.35 -16.69 -2.21
C ILE B 63 0.93 -15.24 -2.43
N MET B 64 1.29 -14.35 -1.50
CA MET B 64 1.02 -12.92 -1.72
C MET B 64 1.81 -12.38 -2.90
N LYS B 65 2.98 -12.95 -3.18
CA LYS B 65 3.71 -12.60 -4.39
C LYS B 65 3.11 -13.26 -5.62
N VAL B 66 2.42 -14.39 -5.45
CA VAL B 66 1.90 -15.14 -6.59
C VAL B 66 0.73 -14.40 -7.23
N ILE B 67 -0.13 -13.78 -6.42
CA ILE B 67 -1.38 -13.19 -6.91
C ILE B 67 -1.10 -11.98 -7.80
N LYS B 68 0.17 -11.62 -7.96
CA LYS B 68 0.55 -10.62 -8.96
C LYS B 68 0.84 -11.26 -10.30
N GLN B 69 1.45 -12.45 -10.30
CA GLN B 69 1.63 -13.20 -11.55
C GLN B 69 0.28 -13.58 -12.15
N SER B 70 -0.57 -14.23 -11.35
CA SER B 70 -1.75 -14.87 -11.87
C SER B 70 -2.84 -14.88 -10.80
N ASP B 71 -4.03 -15.32 -11.20
CA ASP B 71 -5.07 -15.63 -10.25
C ASP B 71 -4.66 -16.82 -9.39
N PHE B 72 -5.44 -17.08 -8.34
CA PHE B 72 -5.16 -18.19 -7.44
C PHE B 72 -6.47 -18.67 -6.84
N THR B 73 -6.73 -19.97 -6.95
CA THR B 73 -7.96 -20.56 -6.48
C THR B 73 -7.65 -21.64 -5.44
N PHE B 74 -8.41 -21.63 -4.34
CA PHE B 74 -8.25 -22.59 -3.26
C PHE B 74 -9.62 -23.11 -2.88
N GLY B 75 -9.84 -24.40 -3.11
CA GLY B 75 -11.19 -24.96 -3.00
C GLY B 75 -12.07 -24.45 -4.12
N LYS B 76 -12.97 -23.53 -3.81
CA LYS B 76 -13.74 -22.84 -4.83
C LYS B 76 -13.19 -21.44 -5.10
N ILE B 77 -12.40 -20.91 -4.17
CA ILE B 77 -12.27 -19.47 -3.93
C ILE B 77 -11.11 -18.92 -4.76
N THR B 78 -11.44 -18.16 -5.79
CA THR B 78 -10.45 -17.51 -6.65
C THR B 78 -10.18 -16.10 -6.16
N ILE B 79 -8.90 -15.78 -5.98
CA ILE B 79 -8.44 -14.42 -5.75
C ILE B 79 -7.94 -13.88 -7.09
N LYS B 80 -8.54 -12.78 -7.55
CA LYS B 80 -8.14 -12.22 -8.83
C LYS B 80 -6.76 -11.60 -8.73
N LYS B 81 -6.08 -11.53 -9.88
CA LYS B 81 -4.79 -10.85 -9.93
C LYS B 81 -4.96 -9.39 -9.54
N THR B 82 -3.89 -8.81 -9.01
CA THR B 82 -3.91 -7.50 -8.36
C THR B 82 -4.55 -6.31 -9.07
N SER B 83 -4.02 -5.93 -10.24
CA SER B 83 -4.63 -4.93 -11.09
C SER B 83 -5.08 -5.51 -12.43
N ASP B 84 -5.29 -6.82 -12.49
CA ASP B 84 -5.94 -7.40 -13.66
C ASP B 84 -7.46 -7.31 -13.55
N ARG B 85 -7.97 -7.26 -12.32
CA ARG B 85 -9.38 -6.96 -12.08
C ARG B 85 -9.50 -6.22 -10.76
N ILE B 86 -10.73 -5.92 -10.37
CA ILE B 86 -11.01 -4.87 -9.39
C ILE B 86 -10.99 -5.40 -7.96
N GLY B 87 -11.09 -4.48 -7.00
CA GLY B 87 -11.17 -4.82 -5.60
C GLY B 87 -12.60 -4.89 -5.10
N ALA B 88 -13.37 -5.82 -5.65
CA ALA B 88 -14.71 -6.10 -5.14
C ALA B 88 -14.58 -7.04 -3.94
N THR B 89 -15.69 -7.61 -3.49
CA THR B 89 -15.66 -8.57 -2.39
C THR B 89 -14.72 -9.50 -3.14
N ASP B 90 -13.45 -9.51 -2.78
CA ASP B 90 -12.53 -10.56 -3.23
C ASP B 90 -12.31 -11.60 -2.13
N MET B 91 -11.88 -11.21 -0.91
CA MET B 91 -11.12 -10.01 -0.60
C MET B 91 -9.76 -10.61 -0.91
N THR B 92 -8.77 -9.76 -1.18
CA THR B 92 -7.47 -10.18 -1.67
C THR B 92 -6.76 -10.81 -0.48
N PHE B 93 -6.75 -12.15 -0.44
CA PHE B 93 -5.99 -12.91 0.54
C PHE B 93 -6.61 -12.87 1.93
N ALA B 94 -6.79 -11.66 2.49
CA ALA B 94 -7.18 -11.53 3.89
C ALA B 94 -8.44 -12.32 4.22
N ALA B 95 -9.38 -12.39 3.28
CA ALA B 95 -10.59 -13.18 3.51
C ALA B 95 -10.30 -14.67 3.44
N LEU B 96 -9.61 -15.10 2.39
CA LEU B 96 -9.27 -16.51 2.26
C LEU B 96 -8.32 -16.95 3.36
N ASP B 97 -7.26 -16.17 3.59
CA ASP B 97 -6.29 -16.49 4.63
C ASP B 97 -6.97 -16.68 5.98
N SER B 98 -7.78 -15.68 6.40
CA SER B 98 -8.49 -15.78 7.66
C SER B 98 -9.47 -16.95 7.65
N LEU B 99 -10.08 -17.24 6.50
CA LEU B 99 -10.97 -18.39 6.41
C LEU B 99 -10.22 -19.70 6.67
N ILE B 100 -8.98 -19.79 6.17
CA ILE B 100 -8.18 -20.98 6.38
C ILE B 100 -7.99 -21.23 7.88
N ARG B 101 -7.62 -20.18 8.61
CA ARG B 101 -7.33 -20.34 10.03
C ARG B 101 -8.58 -20.68 10.83
N VAL B 102 -9.74 -20.14 10.43
CA VAL B 102 -11.00 -20.55 11.04
C VAL B 102 -11.16 -22.05 10.95
N ARG B 103 -10.97 -22.60 9.74
CA ARG B 103 -11.04 -24.04 9.55
C ARG B 103 -9.99 -24.75 10.39
N LEU B 104 -8.78 -24.21 10.46
CA LEU B 104 -7.71 -24.87 11.20
C LEU B 104 -7.99 -24.85 12.70
N VAL B 105 -8.51 -23.74 13.22
CA VAL B 105 -8.95 -23.71 14.62
C VAL B 105 -10.16 -24.62 14.81
N GLU B 106 -11.05 -24.68 13.80
CA GLU B 106 -12.24 -25.50 13.89
C GLU B 106 -11.95 -26.99 13.99
N GLU B 107 -10.71 -27.41 13.72
CA GLU B 107 -10.34 -28.82 13.77
C GLU B 107 -9.45 -29.14 14.97
N THR B 108 -9.41 -28.26 15.97
CA THR B 108 -8.57 -28.47 17.15
C THR B 108 -9.33 -29.07 18.33
N GLY B 109 -10.62 -29.39 18.16
CA GLY B 109 -11.34 -30.08 19.22
C GLY B 109 -10.95 -31.54 19.33
N ASN B 110 -10.63 -32.17 18.21
CA ASN B 110 -10.22 -33.57 18.16
C ASN B 110 -8.69 -33.67 18.14
N SER B 111 -8.16 -34.64 18.89
CA SER B 111 -6.73 -34.69 19.14
C SER B 111 -5.92 -35.27 17.97
N GLU B 112 -6.57 -35.98 17.05
CA GLU B 112 -5.86 -36.46 15.86
C GLU B 112 -5.22 -35.29 15.13
N ASN B 113 -6.04 -34.35 14.69
CA ASN B 113 -5.56 -33.20 13.93
C ASN B 113 -4.94 -32.13 14.81
N LEU B 114 -5.28 -32.12 16.10
CA LEU B 114 -4.73 -31.13 17.02
C LEU B 114 -3.21 -31.21 17.04
N ASN B 115 -2.66 -32.40 17.28
CA ASN B 115 -1.22 -32.55 17.38
C ASN B 115 -0.55 -32.67 16.02
N THR B 116 -1.31 -32.99 14.96
CA THR B 116 -0.78 -32.87 13.62
C THR B 116 -0.44 -31.42 13.31
N ILE B 117 -1.29 -30.49 13.76
CA ILE B 117 -1.01 -29.07 13.59
C ILE B 117 0.23 -28.67 14.37
N LYS B 118 0.27 -29.05 15.66
CA LYS B 118 1.43 -28.72 16.49
C LYS B 118 2.73 -29.20 15.87
N SER B 119 2.72 -30.44 15.37
CA SER B 119 3.94 -30.98 14.76
C SER B 119 4.38 -30.13 13.58
N LYS B 120 3.43 -29.63 12.79
CA LYS B 120 3.76 -28.91 11.57
C LYS B 120 3.89 -27.41 11.77
N ILE B 121 3.03 -26.80 12.60
CA ILE B 121 3.11 -25.36 12.78
C ILE B 121 4.26 -24.96 13.69
N ALA B 122 4.80 -25.88 14.48
CA ALA B 122 5.97 -25.57 15.30
C ALA B 122 7.15 -25.12 14.45
N SER B 123 7.20 -25.52 13.18
CA SER B 123 8.28 -25.13 12.28
C SER B 123 8.04 -23.77 11.62
N HIS B 124 6.85 -23.20 11.75
CA HIS B 124 6.58 -21.90 11.16
C HIS B 124 7.53 -20.86 11.72
N PRO B 125 8.19 -20.06 10.87
CA PRO B 125 9.12 -19.05 11.40
C PRO B 125 8.44 -18.01 12.26
N LEU B 126 7.15 -17.76 12.03
CA LEU B 126 6.42 -16.80 12.86
C LEU B 126 6.20 -17.34 14.27
N ILE B 127 5.84 -18.63 14.39
CA ILE B 127 5.69 -19.24 15.71
C ILE B 127 7.02 -19.20 16.46
N GLN B 128 8.12 -19.41 15.76
CA GLN B 128 9.43 -19.28 16.38
C GLN B 128 9.76 -17.83 16.67
N ALA B 129 9.35 -16.91 15.78
CA ALA B 129 9.62 -15.50 16.00
C ALA B 129 8.96 -15.01 17.29
N TYR B 130 7.70 -15.39 17.51
CA TYR B 130 7.02 -15.02 18.74
C TYR B 130 7.59 -15.76 19.95
N GLY B 131 8.15 -16.95 19.74
CA GLY B 131 8.60 -17.76 20.85
C GLY B 131 7.46 -18.39 21.63
N LEU B 132 6.46 -18.91 20.93
CA LEU B 132 5.19 -19.38 21.49
C LEU B 132 5.33 -20.81 21.98
N PRO B 133 4.92 -21.12 23.20
CA PRO B 133 4.82 -22.52 23.62
C PRO B 133 3.66 -23.21 22.91
N LEU B 134 3.71 -24.54 22.91
CA LEU B 134 2.70 -25.36 22.27
C LEU B 134 2.35 -26.55 23.14
N ASP B 135 2.09 -26.30 24.41
CA ASP B 135 1.85 -27.40 25.34
C ASP B 135 0.38 -27.84 25.35
N ASP B 136 -0.56 -26.93 25.13
CA ASP B 136 -1.97 -27.25 25.17
C ASP B 136 -2.64 -26.78 23.88
N ALA B 137 -3.94 -27.08 23.75
CA ALA B 137 -4.66 -26.80 22.52
C ALA B 137 -4.88 -25.30 22.31
N LYS B 138 -4.99 -24.53 23.39
CA LYS B 138 -5.18 -23.10 23.25
C LYS B 138 -3.93 -22.44 22.69
N SER B 139 -2.75 -22.90 23.10
CA SER B 139 -1.51 -22.39 22.54
C SER B 139 -1.46 -22.61 21.04
N VAL B 140 -1.81 -23.83 20.60
CA VAL B 140 -1.83 -24.14 19.17
C VAL B 140 -2.85 -23.28 18.45
N ARG B 141 -3.93 -22.90 19.12
CA ARG B 141 -4.88 -21.96 18.52
C ARG B 141 -4.24 -20.59 18.34
N LEU B 142 -3.46 -20.14 19.31
CA LEU B 142 -2.72 -18.90 19.14
C LEU B 142 -1.74 -19.00 17.97
N ALA B 143 -1.16 -20.19 17.77
CA ALA B 143 -0.24 -20.39 16.67
C ALA B 143 -0.93 -20.17 15.33
N ILE B 144 -2.16 -20.68 15.19
CA ILE B 144 -2.89 -20.53 13.93
C ILE B 144 -3.22 -19.06 13.69
N MET B 145 -3.39 -18.28 14.76
CA MET B 145 -3.84 -16.90 14.61
C MET B 145 -2.71 -15.91 14.33
N LEU B 146 -1.46 -16.29 14.61
CA LEU B 146 -0.36 -15.34 14.53
C LEU B 146 -0.24 -14.77 13.12
N GLY B 147 -0.25 -13.44 13.01
CA GLY B 147 -0.11 -12.77 11.75
C GLY B 147 -1.34 -12.78 10.86
N GLY B 148 -2.51 -13.08 11.43
CA GLY B 148 -3.74 -13.13 10.66
C GLY B 148 -4.58 -11.88 10.84
N SER B 149 -5.47 -11.64 9.88
CA SER B 149 -6.36 -10.49 9.95
C SER B 149 -7.30 -10.62 11.14
N LEU B 150 -6.90 -10.07 12.27
CA LEU B 150 -7.69 -10.23 13.49
C LEU B 150 -9.08 -9.60 13.41
N PRO B 151 -9.28 -8.40 12.82
CA PRO B 151 -10.65 -7.89 12.71
C PRO B 151 -11.60 -8.81 11.95
N LEU B 152 -11.13 -9.42 10.86
CA LEU B 152 -12.00 -10.33 10.11
C LEU B 152 -12.34 -11.56 10.94
N ILE B 153 -11.33 -12.18 11.55
CA ILE B 153 -11.57 -13.40 12.33
C ILE B 153 -12.42 -13.12 13.55
N ALA B 154 -12.35 -11.91 14.10
CA ALA B 154 -13.07 -11.60 15.32
C ALA B 154 -14.58 -11.62 15.12
N SER B 155 -15.05 -11.36 13.89
CA SER B 155 -16.48 -11.39 13.64
C SER B 155 -17.06 -12.78 13.82
N VAL B 156 -16.30 -13.82 13.44
CA VAL B 156 -16.75 -15.19 13.63
C VAL B 156 -16.97 -15.46 15.11
N ASP B 157 -18.05 -16.17 15.43
CA ASP B 157 -18.46 -16.35 16.82
C ASP B 157 -17.42 -17.16 17.57
N SER B 158 -16.97 -16.62 18.70
CA SER B 158 -16.07 -17.18 19.72
C SER B 158 -14.59 -17.00 19.39
N PHE B 159 -14.25 -16.37 18.26
CA PHE B 159 -12.89 -15.88 18.04
C PHE B 159 -12.69 -14.47 18.58
N GLU B 160 -13.70 -13.93 19.28
CA GLU B 160 -13.62 -12.57 19.80
C GLU B 160 -12.48 -12.42 20.80
N MET B 161 -12.42 -13.32 21.79
CA MET B 161 -11.41 -13.17 22.84
C MET B 161 -10.01 -13.44 22.31
N ILE B 162 -9.84 -14.50 21.51
CA ILE B 162 -8.50 -14.81 21.01
C ILE B 162 -8.01 -13.76 20.03
N SER B 163 -8.93 -13.06 19.36
CA SER B 163 -8.51 -12.00 18.44
C SER B 163 -8.11 -10.75 19.20
N VAL B 164 -8.91 -10.36 20.20
CA VAL B 164 -8.63 -9.11 20.89
C VAL B 164 -7.46 -9.26 21.85
N VAL B 165 -7.27 -10.43 22.46
CA VAL B 165 -6.13 -10.63 23.35
C VAL B 165 -4.83 -10.61 22.56
N LEU B 166 -4.80 -11.32 21.43
CA LEU B 166 -3.62 -11.28 20.57
C LEU B 166 -3.37 -9.88 20.04
N ALA B 167 -4.45 -9.14 19.75
CA ALA B 167 -4.28 -7.77 19.27
C ALA B 167 -3.74 -6.85 20.38
N ILE B 168 -4.17 -7.07 21.62
CA ILE B 168 -3.59 -6.34 22.74
C ILE B 168 -2.12 -6.69 22.91
N TYR B 169 -1.78 -7.98 22.76
CA TYR B 169 -0.40 -8.43 22.90
C TYR B 169 0.50 -7.78 21.86
N GLN B 170 0.08 -7.81 20.59
CA GLN B 170 0.90 -7.23 19.52
C GLN B 170 1.18 -5.75 19.78
N ASP B 171 0.20 -5.02 20.29
CA ASP B 171 0.40 -3.60 20.56
C ASP B 171 1.26 -3.38 21.80
N ALA B 172 1.10 -4.22 22.82
CA ALA B 172 1.86 -4.05 24.05
C ALA B 172 3.36 -4.26 23.81
N LYS B 173 3.71 -5.27 23.03
CA LYS B 173 5.09 -5.65 22.80
C LYS B 173 5.44 -5.63 21.33
N TYR B 174 5.05 -4.55 20.63
CA TYR B 174 5.31 -4.47 19.20
C TYR B 174 6.78 -4.31 18.87
N LYS B 175 7.58 -3.75 19.80
CA LYS B 175 9.00 -3.62 19.56
C LYS B 175 9.73 -4.96 19.76
N ASP B 176 9.31 -5.75 20.73
CA ASP B 176 9.92 -7.05 20.95
C ASP B 176 9.48 -8.09 19.94
N LEU B 177 8.42 -7.83 19.18
CA LEU B 177 8.10 -8.62 18.00
C LEU B 177 8.71 -8.06 16.74
N GLY B 178 9.37 -6.91 16.82
CA GLY B 178 9.90 -6.26 15.63
C GLY B 178 8.84 -5.77 14.67
N ILE B 179 7.66 -5.42 15.19
CA ILE B 179 6.58 -4.94 14.34
C ILE B 179 6.85 -3.48 13.97
N ASP B 180 6.76 -3.18 12.69
CA ASP B 180 6.91 -1.82 12.19
C ASP B 180 5.55 -1.14 12.19
N GLN B 181 5.40 -0.12 13.05
CA GLN B 181 4.15 0.63 13.09
C GLN B 181 3.86 1.34 11.77
N LYS B 182 4.88 1.64 10.98
CA LYS B 182 4.68 2.30 9.70
C LYS B 182 4.00 1.38 8.69
N LYS B 183 4.04 0.07 8.87
CA LYS B 183 3.35 -0.87 7.99
C LYS B 183 2.26 -1.67 8.69
N TYR B 184 2.11 -1.56 10.01
CA TYR B 184 1.02 -2.21 10.72
C TYR B 184 0.74 -1.42 11.98
N ASP B 185 -0.24 -0.52 11.91
CA ASP B 185 -0.64 0.26 13.08
C ASP B 185 -1.28 -0.65 14.11
N THR B 186 -0.46 -1.11 15.07
CA THR B 186 -0.95 -2.08 16.06
C THR B 186 -2.13 -1.54 16.84
N ARG B 187 -2.13 -0.24 17.13
CA ARG B 187 -3.25 0.35 17.86
C ARG B 187 -4.50 0.44 17.00
N GLU B 188 -4.32 0.73 15.70
CA GLU B 188 -5.45 0.75 14.78
C GLU B 188 -6.15 -0.61 14.73
N ALA B 189 -5.37 -1.68 14.55
CA ALA B 189 -5.95 -3.02 14.45
C ALA B 189 -6.73 -3.38 15.70
N LEU B 190 -6.20 -3.03 16.88
CA LEU B 190 -6.94 -3.27 18.11
C LEU B 190 -8.25 -2.51 18.13
N GLY B 191 -8.22 -1.23 17.72
CA GLY B 191 -9.45 -0.47 17.62
C GLY B 191 -10.44 -1.09 16.65
N LYS B 192 -9.94 -1.73 15.58
CA LYS B 192 -10.83 -2.37 14.61
C LYS B 192 -11.53 -3.58 15.21
N VAL B 193 -10.79 -4.41 15.96
CA VAL B 193 -11.34 -5.63 16.54
C VAL B 193 -12.41 -5.30 17.56
N CYS B 194 -12.16 -4.30 18.40
CA CYS B 194 -13.19 -3.82 19.32
C CYS B 194 -14.41 -3.29 18.58
N THR B 195 -14.19 -2.66 17.42
CA THR B 195 -15.31 -2.15 16.64
C THR B 195 -16.21 -3.29 16.17
N VAL B 196 -15.60 -4.34 15.61
CA VAL B 196 -16.38 -5.50 15.17
C VAL B 196 -17.07 -6.15 16.36
N LEU B 197 -16.41 -6.14 17.52
CA LEU B 197 -16.99 -6.78 18.71
C LEU B 197 -18.22 -6.02 19.20
N LYS B 198 -18.17 -4.69 19.22
CA LYS B 198 -19.31 -3.91 19.71
C LYS B 198 -20.48 -3.96 18.74
N SER B 199 -20.21 -4.02 17.43
CA SER B 199 -21.28 -4.04 16.45
C SER B 199 -22.18 -5.26 16.58
N LYS B 200 -21.69 -6.36 17.12
CA LYS B 200 -22.53 -7.51 17.45
C LYS B 200 -22.90 -7.54 18.92
N ALA B 201 -22.70 -6.43 19.64
CA ALA B 201 -23.07 -6.27 21.06
C ALA B 201 -22.49 -7.36 21.95
N PHE B 202 -21.38 -7.96 21.52
CA PHE B 202 -20.76 -9.06 22.26
C PHE B 202 -20.35 -8.59 23.66
N GLU B 203 -20.56 -9.45 24.65
CA GLU B 203 -20.33 -9.12 26.05
C GLU B 203 -19.13 -9.88 26.59
N MET B 204 -18.23 -9.17 27.25
CA MET B 204 -17.07 -9.78 27.91
C MET B 204 -17.41 -10.08 29.37
N ASN B 205 -18.24 -11.11 29.54
CA ASN B 205 -18.62 -11.55 30.88
C ASN B 205 -17.45 -12.26 31.55
N GLU B 206 -17.64 -12.65 32.81
CA GLU B 206 -16.58 -13.31 33.56
C GLU B 206 -16.15 -14.63 32.93
N ASP B 207 -17.01 -15.25 32.11
CA ASP B 207 -16.63 -16.46 31.39
C ASP B 207 -15.75 -16.14 30.19
N GLN B 208 -16.13 -15.11 29.42
CA GLN B 208 -15.35 -14.74 28.25
C GLN B 208 -14.01 -14.12 28.66
N VAL B 209 -13.96 -13.42 29.79
CA VAL B 209 -12.70 -12.85 30.24
C VAL B 209 -11.78 -13.93 30.82
N LYS B 210 -12.37 -14.94 31.47
CA LYS B 210 -11.56 -16.06 31.95
C LYS B 210 -10.95 -16.84 30.79
N LYS B 211 -11.68 -16.94 29.68
CA LYS B 211 -11.10 -17.53 28.47
C LYS B 211 -9.94 -16.67 27.97
N GLY B 212 -10.12 -15.36 27.96
CA GLY B 212 -9.10 -14.47 27.43
C GLY B 212 -7.82 -14.47 28.24
N LYS B 213 -7.94 -14.57 29.58
CA LYS B 213 -6.74 -14.60 30.40
C LYS B 213 -5.98 -15.91 30.24
N GLU B 214 -6.65 -16.98 29.80
CA GLU B 214 -5.96 -18.22 29.50
C GLU B 214 -5.08 -18.07 28.26
N TYR B 215 -5.64 -17.50 27.19
CA TYR B 215 -4.81 -17.15 26.03
C TYR B 215 -3.71 -16.17 26.42
N ALA B 216 -4.07 -15.17 27.24
CA ALA B 216 -3.09 -14.18 27.67
C ALA B 216 -2.02 -14.80 28.57
N ALA B 217 -2.38 -15.79 29.38
CA ALA B 217 -1.39 -16.49 30.17
C ALA B 217 -0.36 -17.18 29.28
N ILE B 218 -0.84 -17.81 28.20
CA ILE B 218 0.06 -18.47 27.25
C ILE B 218 0.98 -17.46 26.59
N LEU B 219 0.49 -16.22 26.38
CA LEU B 219 1.24 -15.26 25.58
C LEU B 219 2.34 -14.57 26.39
N SER B 220 2.10 -14.31 27.67
CA SER B 220 3.11 -13.62 28.47
C SER B 220 4.35 -14.50 28.68
N SER B 221 4.16 -15.82 28.75
CA SER B 221 5.26 -16.75 28.92
C SER B 221 5.94 -17.10 27.60
N SER B 222 5.88 -16.21 26.61
CA SER B 222 6.58 -16.38 25.34
C SER B 222 7.80 -15.47 25.31
N ASN B 223 8.75 -15.80 24.43
CA ASN B 223 10.05 -15.15 24.40
C ASN B 223 10.34 -14.69 22.98
N PRO B 224 9.84 -13.50 22.62
CA PRO B 224 9.96 -13.03 21.22
C PRO B 224 11.40 -12.67 20.88
N ASN B 225 11.93 -13.33 19.84
CA ASN B 225 13.25 -13.04 19.28
C ASN B 225 13.05 -12.18 18.03
N ALA B 226 13.20 -10.88 18.20
CA ALA B 226 12.94 -9.92 17.11
C ALA B 226 14.21 -9.59 16.35
N LYS B 227 14.93 -10.61 15.86
CA LYS B 227 16.15 -10.39 15.11
C LYS B 227 16.08 -11.08 13.75
N GLY B 228 17.23 -11.45 13.21
CA GLY B 228 17.28 -12.16 11.94
C GLY B 228 17.49 -11.25 10.75
N SER B 229 18.49 -11.57 9.92
CA SER B 229 19.35 -12.73 10.17
C SER B 229 20.64 -12.29 10.83
N ILE B 230 21.64 -13.17 10.85
CA ILE B 230 22.97 -12.77 11.30
C ILE B 230 23.45 -11.57 10.49
N ALA B 231 23.25 -11.62 9.17
CA ALA B 231 23.72 -10.58 8.27
C ALA B 231 23.30 -9.19 8.73
N MET B 232 21.99 -8.96 8.87
CA MET B 232 21.52 -7.69 9.38
C MET B 232 22.09 -7.40 10.75
N GLU B 233 22.03 -8.38 11.65
CA GLU B 233 22.53 -8.18 13.01
C GLU B 233 24.04 -7.97 13.03
N HIS B 234 24.78 -8.74 12.23
CA HIS B 234 26.24 -8.63 12.22
C HIS B 234 26.67 -7.21 11.89
N TYR B 235 26.19 -6.67 10.78
CA TYR B 235 26.53 -5.31 10.38
C TYR B 235 25.69 -4.25 11.08
N SER B 236 24.74 -4.66 11.94
CA SER B 236 23.78 -3.71 12.51
C SER B 236 24.48 -2.58 13.24
N GLU B 237 25.56 -2.87 13.96
CA GLU B 237 26.25 -1.84 14.72
C GLU B 237 26.78 -0.74 13.80
N THR B 238 27.51 -1.13 12.76
CA THR B 238 28.04 -0.15 11.81
C THR B 238 26.91 0.52 11.03
N LEU B 239 25.87 -0.24 10.68
CA LEU B 239 24.79 0.29 9.84
C LEU B 239 24.15 1.51 10.47
N ASN B 240 23.76 1.40 11.75
CA ASN B 240 23.02 2.47 12.40
C ASN B 240 23.79 3.79 12.44
N LYS B 241 25.12 3.74 12.34
CA LYS B 241 25.90 4.97 12.28
C LYS B 241 25.71 5.69 10.94
N PHE B 242 25.24 4.99 9.91
CA PHE B 242 24.86 5.67 8.67
C PHE B 242 23.46 6.26 8.78
N TYR B 243 22.53 5.49 9.34
CA TYR B 243 21.18 5.95 9.64
C TYR B 243 21.22 7.28 10.39
N GLU B 244 22.22 7.44 11.26
CA GLU B 244 22.34 8.68 12.04
C GLU B 244 22.60 9.88 11.14
N MET B 245 23.37 9.67 10.06
CA MET B 245 23.71 10.79 9.17
C MET B 245 22.47 11.30 8.45
N PHE B 246 21.59 10.38 8.04
CA PHE B 246 20.33 10.77 7.42
C PHE B 246 19.31 11.29 8.42
N GLY B 247 19.59 11.17 9.72
CA GLY B 247 18.74 11.74 10.74
C GLY B 247 17.69 10.83 11.32
N VAL B 248 17.86 9.52 11.20
CA VAL B 248 16.91 8.57 11.76
C VAL B 248 17.25 8.34 13.23
N LYS B 249 16.24 8.34 14.08
CA LYS B 249 16.38 8.16 15.52
C LYS B 249 17.29 9.24 16.13
N VAL C 4 17.43 7.74 -32.62
CA VAL C 4 17.21 6.31 -32.86
C VAL C 4 15.87 5.86 -32.26
N LYS C 5 15.11 5.10 -33.04
CA LYS C 5 13.82 4.62 -32.58
C LYS C 5 13.98 3.50 -31.57
N LEU C 6 13.03 3.42 -30.64
CA LEU C 6 13.03 2.42 -29.58
C LEU C 6 12.38 1.15 -30.13
N THR C 7 13.18 0.32 -30.78
CA THR C 7 12.67 -0.88 -31.43
C THR C 7 13.37 -2.11 -30.87
N LYS C 8 12.72 -3.27 -31.07
CA LYS C 8 13.27 -4.53 -30.62
C LYS C 8 14.66 -4.77 -31.20
N GLU C 9 14.84 -4.54 -32.50
CA GLU C 9 16.13 -4.79 -33.12
C GLU C 9 17.09 -3.61 -32.99
N ASN C 10 16.72 -2.56 -32.25
CA ASN C 10 17.66 -1.50 -31.90
C ASN C 10 18.27 -1.69 -30.53
N ILE C 11 17.57 -2.38 -29.62
CA ILE C 11 18.15 -2.76 -28.34
C ILE C 11 19.32 -3.72 -28.56
N VAL C 12 19.20 -4.59 -29.56
CA VAL C 12 20.32 -5.46 -29.91
C VAL C 12 21.51 -4.63 -30.37
N ALA C 13 21.26 -3.55 -31.10
CA ALA C 13 22.33 -2.68 -31.56
C ALA C 13 23.01 -1.99 -30.38
N LEU C 14 22.20 -1.47 -29.44
CA LEU C 14 22.74 -0.76 -28.30
C LEU C 14 23.66 -1.63 -27.46
N LEU C 15 23.42 -2.94 -27.43
CA LEU C 15 24.15 -3.84 -26.55
C LEU C 15 25.34 -4.51 -27.22
N THR C 16 25.39 -4.55 -28.57
CA THR C 16 26.47 -5.19 -29.31
C THR C 16 26.93 -4.27 -30.44
N GLN C 17 27.51 -3.13 -30.08
CA GLN C 17 28.17 -2.23 -31.01
C GLN C 17 28.98 -1.22 -30.21
N GLY C 18 29.73 -0.38 -30.92
CA GLY C 18 30.58 0.59 -30.26
C GLY C 18 30.15 2.02 -30.48
N LYS C 19 29.07 2.20 -31.22
CA LYS C 19 28.58 3.53 -31.59
C LYS C 19 27.59 4.05 -30.57
N ASP C 20 27.61 5.37 -30.37
CA ASP C 20 26.74 6.01 -29.40
C ASP C 20 25.31 6.06 -29.90
N LEU C 21 24.36 5.63 -29.06
CA LEU C 21 22.95 5.70 -29.38
C LEU C 21 22.19 6.38 -28.26
N GLU C 22 21.15 7.11 -28.64
CA GLU C 22 20.16 7.64 -27.70
C GLU C 22 18.79 7.23 -28.22
N PHE C 23 17.73 7.72 -27.58
CA PHE C 23 16.39 7.28 -27.96
C PHE C 23 15.40 8.43 -28.07
N GLU C 24 14.13 8.09 -28.28
CA GLU C 24 13.04 9.05 -28.34
C GLU C 24 12.07 8.78 -27.18
N GLU C 25 11.24 9.79 -26.90
CA GLU C 25 10.32 9.74 -25.77
C GLU C 25 9.45 8.49 -25.76
N ASN C 33 -8.27 13.25 -18.79
CA ASN C 33 -9.28 14.27 -19.02
C ASN C 33 -10.50 14.09 -18.13
N PHE C 34 -11.29 15.16 -17.98
CA PHE C 34 -12.60 15.05 -17.36
C PHE C 34 -13.48 16.20 -17.82
N LYS C 35 -12.94 17.42 -17.78
CA LYS C 35 -13.65 18.57 -18.30
C LYS C 35 -14.13 18.34 -19.73
N THR C 36 -13.28 17.71 -20.55
CA THR C 36 -13.70 17.31 -21.88
C THR C 36 -14.72 16.18 -21.81
N PHE C 37 -14.48 15.19 -20.95
CA PHE C 37 -15.44 14.10 -20.78
C PHE C 37 -16.72 14.59 -20.11
N CYS C 38 -16.62 15.60 -19.26
CA CYS C 38 -17.82 16.15 -18.60
C CYS C 38 -18.71 16.87 -19.61
N LEU C 39 -18.18 17.92 -20.24
CA LEU C 39 -18.97 18.78 -21.14
C LEU C 39 -19.72 17.99 -22.21
N GLU C 40 -19.33 16.73 -22.47
CA GLU C 40 -19.97 15.93 -23.51
C GLU C 40 -20.95 14.90 -22.96
N ASN C 41 -20.74 14.38 -21.75
CA ASN C 41 -21.66 13.43 -21.14
C ASN C 41 -22.43 14.03 -19.97
N LEU C 42 -22.18 15.29 -19.63
CA LEU C 42 -22.78 15.98 -18.50
C LEU C 42 -24.31 15.93 -18.57
N ASP C 43 -24.87 15.99 -19.77
CA ASP C 43 -26.31 16.13 -19.94
C ASP C 43 -27.05 14.80 -20.08
N GLN C 44 -26.33 13.67 -20.17
CA GLN C 44 -27.02 12.39 -20.03
C GLN C 44 -27.36 12.13 -18.57
N ILE C 45 -26.45 12.52 -17.66
CA ILE C 45 -26.69 12.39 -16.23
C ILE C 45 -27.89 13.21 -15.80
N LYS C 46 -28.17 14.32 -16.50
CA LYS C 46 -29.30 15.16 -16.15
C LYS C 46 -30.63 14.48 -16.39
N LYS C 47 -30.67 13.44 -17.22
CA LYS C 47 -31.91 12.71 -17.43
C LYS C 47 -32.32 11.92 -16.19
N MET C 48 -31.34 11.53 -15.37
CA MET C 48 -31.64 10.80 -14.14
C MET C 48 -32.42 11.69 -13.17
N SER C 49 -33.04 11.04 -12.18
CA SER C 49 -33.70 11.75 -11.11
C SER C 49 -32.68 12.12 -10.03
N ILE C 50 -32.96 13.20 -9.32
CA ILE C 50 -32.07 13.62 -8.24
C ILE C 50 -32.08 12.58 -7.12
N ILE C 51 -33.24 11.98 -6.85
CA ILE C 51 -33.29 10.87 -5.91
C ILE C 51 -32.54 9.66 -6.46
N SER C 52 -32.65 9.42 -7.77
CA SER C 52 -31.88 8.35 -8.40
C SER C 52 -30.38 8.59 -8.23
N CYS C 53 -29.95 9.84 -8.34
CA CYS C 53 -28.54 10.17 -8.16
C CYS C 53 -28.07 9.83 -6.76
N LEU C 54 -28.81 10.26 -5.74
CA LEU C 54 -28.42 9.96 -4.37
C LEU C 54 -28.54 8.48 -4.06
N THR C 55 -29.42 7.76 -4.76
CA THR C 55 -29.42 6.31 -4.67
C THR C 55 -28.09 5.74 -5.16
N PHE C 56 -27.57 6.28 -6.25
CA PHE C 56 -26.28 5.84 -6.76
C PHE C 56 -25.18 6.07 -5.74
N LEU C 57 -25.06 7.31 -5.24
CA LEU C 57 -24.07 7.62 -4.22
C LEU C 57 -24.24 6.73 -3.00
N LYS C 58 -25.48 6.58 -2.52
CA LYS C 58 -25.75 5.78 -1.34
C LYS C 58 -25.35 4.32 -1.54
N ASN C 59 -25.46 3.83 -2.77
CA ASN C 59 -25.19 2.42 -3.08
C ASN C 59 -24.04 2.26 -4.06
N ARG C 60 -23.10 3.22 -4.07
CA ARG C 60 -22.03 3.19 -5.06
C ARG C 60 -21.22 1.89 -4.97
N GLN C 61 -20.95 1.42 -3.75
CA GLN C 61 -20.16 0.21 -3.59
C GLN C 61 -20.89 -1.01 -4.16
N SER C 62 -22.17 -1.15 -3.84
CA SER C 62 -22.93 -2.29 -4.32
C SER C 62 -23.40 -2.12 -5.76
N ILE C 63 -23.30 -0.93 -6.33
CA ILE C 63 -23.55 -0.74 -7.76
C ILE C 63 -22.30 -1.05 -8.58
N MET C 64 -21.15 -0.52 -8.14
CA MET C 64 -19.87 -0.89 -8.73
C MET C 64 -19.66 -2.40 -8.73
N LYS C 65 -20.28 -3.09 -7.76
CA LYS C 65 -20.23 -4.54 -7.70
C LYS C 65 -20.73 -5.18 -8.99
N VAL C 66 -21.95 -4.83 -9.41
CA VAL C 66 -22.57 -5.50 -10.56
C VAL C 66 -22.15 -4.89 -11.90
N ILE C 67 -21.52 -3.72 -11.91
CA ILE C 67 -21.10 -3.13 -13.17
C ILE C 67 -19.79 -3.77 -13.66
N LYS C 68 -18.87 -4.07 -12.76
CA LYS C 68 -17.57 -4.60 -13.13
C LYS C 68 -17.55 -6.13 -13.13
N GLN C 69 -18.55 -6.72 -13.79
CA GLN C 69 -18.59 -8.15 -14.06
C GLN C 69 -18.81 -8.45 -15.54
N SER C 70 -19.39 -7.52 -16.30
CA SER C 70 -19.58 -7.63 -17.73
C SER C 70 -19.40 -6.24 -18.33
N ASP C 71 -19.42 -6.17 -19.65
CA ASP C 71 -19.32 -4.88 -20.32
C ASP C 71 -20.69 -4.20 -20.29
N PHE C 72 -20.77 -3.09 -19.56
CA PHE C 72 -22.03 -2.45 -19.21
C PHE C 72 -22.29 -1.28 -20.14
N THR C 73 -23.32 -1.40 -20.98
CA THR C 73 -23.76 -0.32 -21.85
C THR C 73 -25.12 0.17 -21.38
N PHE C 74 -25.22 1.47 -21.11
CA PHE C 74 -26.49 2.12 -20.77
C PHE C 74 -26.64 3.31 -21.70
N GLY C 75 -27.78 3.38 -22.38
CA GLY C 75 -27.90 4.31 -23.50
C GLY C 75 -27.02 3.83 -24.63
N LYS C 76 -26.20 4.73 -25.18
CA LYS C 76 -25.16 4.37 -26.12
C LYS C 76 -23.78 4.39 -25.49
N ILE C 77 -23.69 4.73 -24.20
CA ILE C 77 -22.41 4.95 -23.52
C ILE C 77 -22.02 3.67 -22.80
N THR C 78 -20.76 3.26 -22.95
CA THR C 78 -20.32 1.93 -22.56
C THR C 78 -19.13 2.01 -21.62
N ILE C 79 -19.16 1.17 -20.58
CA ILE C 79 -18.04 0.98 -19.67
C ILE C 79 -17.72 -0.51 -19.68
N LYS C 80 -16.47 -0.84 -20.00
CA LYS C 80 -16.07 -2.20 -20.35
C LYS C 80 -16.13 -3.12 -19.14
N LYS C 81 -16.00 -4.42 -19.41
CA LYS C 81 -16.01 -5.43 -18.36
C LYS C 81 -14.85 -5.22 -17.39
N THR C 82 -13.70 -4.80 -17.90
CA THR C 82 -12.57 -4.42 -17.08
C THR C 82 -12.59 -2.92 -16.82
N SER C 83 -11.76 -2.49 -15.88
CA SER C 83 -11.45 -1.07 -15.71
C SER C 83 -10.20 -0.70 -16.49
N ASP C 84 -10.18 -1.12 -17.76
CA ASP C 84 -9.02 -0.97 -18.64
C ASP C 84 -8.54 0.48 -18.68
N ARG C 85 -7.30 0.68 -19.14
CA ARG C 85 -6.62 1.97 -19.06
C ARG C 85 -7.52 3.11 -19.51
N ILE C 86 -7.81 4.02 -18.58
CA ILE C 86 -8.89 4.98 -18.75
C ILE C 86 -8.55 5.98 -19.84
N GLY C 87 -9.52 6.28 -20.70
CA GLY C 87 -9.29 7.13 -21.86
C GLY C 87 -10.27 8.28 -22.00
N ALA C 88 -10.90 8.39 -23.18
CA ALA C 88 -11.78 9.51 -23.48
C ALA C 88 -13.19 9.09 -23.88
N THR C 89 -13.49 7.79 -23.92
CA THR C 89 -14.86 7.32 -24.12
C THR C 89 -15.28 6.29 -23.09
N ASP C 90 -14.36 5.76 -22.29
CA ASP C 90 -14.70 4.84 -21.21
C ASP C 90 -14.98 5.60 -19.92
N THR C 92 -13.44 5.49 -16.63
CA THR C 92 -13.63 4.75 -15.40
C THR C 92 -15.09 4.67 -15.00
N PHE C 93 -15.38 3.72 -14.10
CA PHE C 93 -16.61 3.80 -13.32
C PHE C 93 -16.62 5.09 -12.51
N ALA C 94 -15.45 5.51 -12.01
CA ALA C 94 -15.38 6.70 -11.16
C ALA C 94 -15.71 7.98 -11.93
N ALA C 95 -15.47 7.98 -13.24
CA ALA C 95 -15.84 9.16 -14.03
C ALA C 95 -17.35 9.38 -14.02
N LEU C 96 -18.12 8.29 -14.03
CA LEU C 96 -19.57 8.40 -13.91
C LEU C 96 -19.96 8.86 -12.50
N ASP C 97 -19.23 8.38 -11.48
CA ASP C 97 -19.52 8.80 -10.12
C ASP C 97 -19.24 10.28 -9.92
N SER C 98 -18.12 10.78 -10.46
CA SER C 98 -17.79 12.19 -10.31
C SER C 98 -18.72 13.07 -11.12
N LEU C 99 -19.24 12.57 -12.24
CA LEU C 99 -20.23 13.31 -13.02
C LEU C 99 -21.48 13.57 -12.19
N ILE C 100 -22.01 12.53 -11.56
CA ILE C 100 -23.23 12.66 -10.77
C ILE C 100 -23.02 13.63 -9.62
N ARG C 101 -21.87 13.55 -8.94
CA ARG C 101 -21.57 14.49 -7.87
C ARG C 101 -21.52 15.91 -8.39
N VAL C 102 -20.91 16.12 -9.56
CA VAL C 102 -20.87 17.45 -10.16
C VAL C 102 -22.28 17.96 -10.42
N ARG C 103 -23.11 17.13 -11.05
CA ARG C 103 -24.49 17.52 -11.30
C ARG C 103 -25.26 17.71 -10.01
N LEU C 104 -24.97 16.89 -8.99
CA LEU C 104 -25.65 17.05 -7.70
C LEU C 104 -25.20 18.32 -6.98
N VAL C 105 -23.96 18.75 -7.20
CA VAL C 105 -23.51 20.01 -6.61
C VAL C 105 -24.20 21.19 -7.30
N GLU C 106 -24.41 21.09 -8.61
CA GLU C 106 -25.11 22.17 -9.32
C GLU C 106 -26.52 22.36 -8.82
N GLU C 107 -27.20 21.26 -8.48
CA GLU C 107 -28.59 21.34 -8.04
C GLU C 107 -28.75 21.92 -6.64
N THR C 108 -27.66 22.31 -5.98
CA THR C 108 -27.75 22.90 -4.65
C THR C 108 -28.03 24.40 -4.68
N GLY C 109 -27.83 25.05 -5.83
CA GLY C 109 -28.32 26.39 -6.06
C GLY C 109 -29.77 26.43 -6.47
N ASN C 110 -30.40 25.27 -6.58
CA ASN C 110 -31.83 25.14 -6.87
C ASN C 110 -32.52 24.84 -5.54
N SER C 111 -33.29 25.83 -5.04
CA SER C 111 -33.75 25.78 -3.66
C SER C 111 -34.66 24.59 -3.38
N GLU C 112 -35.47 24.17 -4.36
CA GLU C 112 -36.32 23.00 -4.15
C GLU C 112 -35.47 21.73 -4.03
N ASN C 113 -34.49 21.58 -4.91
CA ASN C 113 -33.65 20.38 -4.91
C ASN C 113 -32.65 20.39 -3.77
N LEU C 114 -32.15 21.57 -3.38
CA LEU C 114 -31.30 21.65 -2.19
C LEU C 114 -32.01 21.10 -0.96
N ASN C 115 -33.33 21.26 -0.89
CA ASN C 115 -34.10 20.68 0.20
C ASN C 115 -34.24 19.17 0.06
N THR C 116 -34.27 18.66 -1.17
CA THR C 116 -34.39 17.22 -1.38
C THR C 116 -33.08 16.52 -1.05
N ILE C 117 -31.95 17.08 -1.48
CA ILE C 117 -30.65 16.48 -1.17
C ILE C 117 -30.36 16.58 0.32
N LYS C 118 -30.59 17.77 0.90
CA LYS C 118 -30.35 17.97 2.32
C LYS C 118 -31.14 16.99 3.18
N SER C 119 -32.30 16.54 2.69
CA SER C 119 -33.13 15.59 3.43
C SER C 119 -32.73 14.14 3.17
N LYS C 120 -32.40 13.80 1.93
CA LYS C 120 -32.09 12.42 1.60
C LYS C 120 -30.66 12.04 1.96
N ILE C 121 -29.72 12.99 1.88
CA ILE C 121 -28.31 12.65 2.12
C ILE C 121 -27.94 12.64 3.59
N ALA C 122 -28.83 13.10 4.47
CA ALA C 122 -28.58 12.98 5.90
C ALA C 122 -28.57 11.53 6.35
N SER C 123 -29.25 10.65 5.63
CA SER C 123 -29.26 9.22 5.92
C SER C 123 -28.15 8.48 5.18
N HIS C 124 -27.25 9.19 4.51
CA HIS C 124 -26.12 8.55 3.86
C HIS C 124 -25.10 8.11 4.90
N PRO C 125 -24.32 7.05 4.60
CA PRO C 125 -23.42 6.49 5.62
C PRO C 125 -22.23 7.39 5.93
N LEU C 126 -21.57 7.89 4.89
CA LEU C 126 -20.40 8.74 5.11
C LEU C 126 -20.79 10.05 5.80
N ILE C 127 -21.98 10.56 5.50
CA ILE C 127 -22.43 11.81 6.10
C ILE C 127 -22.59 11.64 7.60
N GLN C 128 -23.09 10.49 8.04
CA GLN C 128 -23.19 10.21 9.47
C GLN C 128 -21.83 9.91 10.07
N ALA C 129 -21.02 9.09 9.38
CA ALA C 129 -19.71 8.72 9.91
C ALA C 129 -18.81 9.94 10.06
N TYR C 130 -18.83 10.84 9.08
CA TYR C 130 -18.14 12.11 9.21
C TYR C 130 -18.79 13.04 10.23
N GLY C 131 -20.02 12.74 10.64
CA GLY C 131 -20.74 13.65 11.53
C GLY C 131 -20.94 15.02 10.93
N LEU C 132 -21.27 15.07 9.65
CA LEU C 132 -21.33 16.34 8.94
C LEU C 132 -22.63 17.08 9.24
N PRO C 133 -22.60 18.30 9.67
CA PRO C 133 -23.82 19.09 9.89
C PRO C 133 -24.34 19.64 8.58
N LEU C 134 -25.54 19.23 8.18
CA LEU C 134 -26.16 19.70 6.95
C LEU C 134 -27.09 20.86 7.27
N ASP C 135 -26.68 22.06 6.91
CA ASP C 135 -27.51 23.24 7.14
C ASP C 135 -27.57 24.10 5.89
N ASP C 136 -26.47 24.72 5.52
CA ASP C 136 -26.41 25.66 4.40
C ASP C 136 -26.35 24.89 3.08
N ALA C 137 -26.13 25.63 1.98
CA ALA C 137 -25.90 24.99 0.68
C ALA C 137 -24.50 24.40 0.60
N LYS C 138 -23.52 25.04 1.25
CA LYS C 138 -22.14 24.60 1.14
C LYS C 138 -21.91 23.29 1.89
N SER C 139 -22.66 23.04 2.96
CA SER C 139 -22.50 21.78 3.67
C SER C 139 -23.06 20.61 2.87
N VAL C 140 -24.12 20.83 2.11
CA VAL C 140 -24.69 19.76 1.30
C VAL C 140 -23.74 19.38 0.16
N ARG C 141 -23.11 20.38 -0.46
CA ARG C 141 -22.09 20.09 -1.47
C ARG C 141 -21.00 19.20 -0.91
N LEU C 142 -20.54 19.50 0.31
CA LEU C 142 -19.54 18.66 0.96
C LEU C 142 -20.05 17.24 1.13
N ALA C 143 -21.32 17.08 1.50
CA ALA C 143 -21.91 15.75 1.58
C ALA C 143 -21.85 15.03 0.24
N ILE C 144 -22.10 15.75 -0.85
CA ILE C 144 -22.03 15.16 -2.17
C ILE C 144 -20.59 14.77 -2.50
N MET C 145 -19.63 15.57 -2.06
CA MET C 145 -18.24 15.34 -2.39
C MET C 145 -17.61 14.20 -1.61
N LEU C 146 -18.19 13.82 -0.48
CA LEU C 146 -17.62 12.74 0.34
C LEU C 146 -17.52 11.45 -0.46
N GLY C 147 -16.40 10.77 -0.32
CA GLY C 147 -16.21 9.48 -0.97
C GLY C 147 -16.10 9.53 -2.47
N GLY C 148 -15.75 10.67 -3.04
CA GLY C 148 -15.59 10.82 -4.47
C GLY C 148 -14.13 10.92 -4.87
N SER C 149 -13.90 10.77 -6.17
CA SER C 149 -12.55 10.88 -6.74
C SER C 149 -12.20 12.36 -6.82
N LEU C 150 -11.52 12.84 -5.78
CA LEU C 150 -11.19 14.26 -5.70
C LEU C 150 -10.31 14.77 -6.85
N PRO C 151 -9.33 14.01 -7.37
CA PRO C 151 -8.56 14.54 -8.51
C PRO C 151 -9.40 14.75 -9.77
N LEU C 152 -10.40 13.90 -10.00
CA LEU C 152 -11.28 14.10 -11.15
C LEU C 152 -12.15 15.34 -10.97
N ILE C 153 -12.77 15.47 -9.80
CA ILE C 153 -13.70 16.56 -9.55
C ILE C 153 -12.98 17.90 -9.59
N ALA C 154 -11.74 17.94 -9.09
CA ALA C 154 -10.99 19.19 -9.00
C ALA C 154 -10.69 19.79 -10.37
N SER C 155 -10.79 19.01 -11.44
CA SER C 155 -10.48 19.50 -12.79
C SER C 155 -11.66 20.20 -13.45
N VAL C 156 -12.82 20.25 -12.82
CA VAL C 156 -13.96 21.02 -13.30
C VAL C 156 -13.94 22.38 -12.62
N ASP C 157 -14.32 23.41 -13.35
CA ASP C 157 -14.17 24.78 -12.87
C ASP C 157 -14.97 25.00 -11.59
N SER C 158 -14.36 25.77 -10.68
CA SER C 158 -14.92 26.12 -9.36
C SER C 158 -14.96 24.93 -8.41
N PHE C 159 -14.74 23.72 -8.92
CA PHE C 159 -14.65 22.54 -8.08
C PHE C 159 -13.24 22.34 -7.51
N GLU C 160 -12.35 23.31 -7.69
CA GLU C 160 -10.98 23.16 -7.20
C GLU C 160 -10.91 23.29 -5.68
N MET C 161 -11.44 24.40 -5.15
CA MET C 161 -11.27 24.70 -3.73
C MET C 161 -11.96 23.66 -2.84
N ILE C 162 -13.15 23.21 -3.24
CA ILE C 162 -13.84 22.23 -2.42
C ILE C 162 -13.10 20.89 -2.42
N SER C 163 -12.39 20.58 -3.50
CA SER C 163 -11.68 19.31 -3.57
C SER C 163 -10.41 19.32 -2.72
N VAL C 164 -9.72 20.46 -2.65
CA VAL C 164 -8.47 20.52 -1.89
C VAL C 164 -8.76 20.63 -0.40
N VAL C 165 -9.72 21.47 -0.01
CA VAL C 165 -10.07 21.60 1.40
C VAL C 165 -10.54 20.26 1.94
N LEU C 166 -11.29 19.51 1.13
CA LEU C 166 -11.71 18.18 1.53
C LEU C 166 -10.52 17.22 1.60
N ALA C 167 -9.59 17.34 0.65
CA ALA C 167 -8.38 16.52 0.68
C ALA C 167 -7.57 16.81 1.93
N ILE C 168 -7.35 18.10 2.23
CA ILE C 168 -6.60 18.48 3.43
C ILE C 168 -7.29 17.93 4.67
N TYR C 169 -8.62 18.04 4.73
CA TYR C 169 -9.35 17.57 5.89
C TYR C 169 -9.26 16.07 6.04
N GLN C 170 -9.45 15.33 4.94
CA GLN C 170 -9.35 13.87 4.99
C GLN C 170 -7.99 13.43 5.50
N ASP C 171 -6.93 14.14 5.10
CA ASP C 171 -5.60 13.83 5.61
C ASP C 171 -5.46 14.21 7.07
N ALA C 172 -6.05 15.34 7.48
CA ALA C 172 -5.83 15.90 8.80
C ALA C 172 -6.56 15.15 9.91
N LYS C 173 -7.65 14.45 9.59
CA LYS C 173 -8.42 13.72 10.60
C LYS C 173 -8.68 12.28 10.15
N TYR C 174 -7.71 11.67 9.47
CA TYR C 174 -7.94 10.35 8.88
C TYR C 174 -8.08 9.25 9.93
N LYS C 175 -7.58 9.47 11.15
CA LYS C 175 -7.74 8.44 12.18
C LYS C 175 -9.18 8.38 12.68
N ASP C 176 -9.79 9.54 12.89
CA ASP C 176 -11.20 9.57 13.31
C ASP C 176 -12.14 9.19 12.18
N LEU C 177 -11.69 9.24 10.92
CA LEU C 177 -12.53 8.99 9.77
C LEU C 177 -12.40 7.57 9.23
N GLY C 178 -11.70 6.69 9.94
CA GLY C 178 -11.58 5.30 9.51
C GLY C 178 -10.97 5.13 8.13
N ILE C 179 -10.04 6.00 7.75
CA ILE C 179 -9.42 5.96 6.43
C ILE C 179 -8.17 5.11 6.55
N ASP C 180 -8.23 3.88 6.04
CA ASP C 180 -7.07 3.00 6.04
C ASP C 180 -6.05 3.49 5.02
N GLN C 181 -4.88 3.93 5.50
CA GLN C 181 -3.91 4.57 4.63
C GLN C 181 -3.32 3.62 3.60
N LYS C 182 -3.45 2.31 3.79
CA LYS C 182 -3.05 1.38 2.75
C LYS C 182 -4.11 1.28 1.65
N LYS C 183 -5.38 1.48 1.99
CA LYS C 183 -6.45 1.48 1.00
C LYS C 183 -6.62 2.82 0.32
N TYR C 184 -6.05 3.89 0.89
CA TYR C 184 -6.27 5.24 0.37
C TYR C 184 -5.24 6.15 1.05
N ASP C 185 -4.16 6.47 0.34
CA ASP C 185 -3.15 7.38 0.88
C ASP C 185 -3.68 8.79 0.70
N THR C 186 -4.05 9.42 1.82
CA THR C 186 -4.68 10.74 1.76
C THR C 186 -3.71 11.79 1.23
N ARG C 187 -2.45 11.77 1.71
CA ARG C 187 -1.48 12.76 1.26
C ARG C 187 -1.18 12.60 -0.22
N GLU C 188 -1.14 11.36 -0.70
CA GLU C 188 -0.99 11.13 -2.13
C GLU C 188 -2.18 11.70 -2.90
N ALA C 189 -3.40 11.46 -2.38
CA ALA C 189 -4.60 12.03 -2.99
C ALA C 189 -4.57 13.55 -2.97
N LEU C 190 -4.22 14.15 -1.82
CA LEU C 190 -4.03 15.60 -1.77
C LEU C 190 -3.00 16.05 -2.79
N GLY C 191 -1.94 15.26 -2.98
CA GLY C 191 -0.91 15.63 -3.95
C GLY C 191 -1.40 15.58 -5.39
N LYS C 192 -2.15 14.53 -5.74
CA LYS C 192 -2.73 14.44 -7.08
C LYS C 192 -3.74 15.53 -7.38
N VAL C 193 -4.32 16.16 -6.37
CA VAL C 193 -5.24 17.26 -6.62
C VAL C 193 -4.48 18.55 -6.87
N CYS C 194 -3.41 18.78 -6.10
CA CYS C 194 -2.57 19.96 -6.32
C CYS C 194 -1.93 19.94 -7.70
N THR C 195 -1.58 18.75 -8.19
CA THR C 195 -1.10 18.64 -9.57
C THR C 195 -2.17 19.06 -10.55
N VAL C 196 -3.42 18.66 -10.30
CA VAL C 196 -4.52 19.02 -11.20
C VAL C 196 -4.76 20.52 -11.18
N LEU C 197 -4.76 21.12 -9.98
CA LEU C 197 -4.96 22.56 -9.89
C LEU C 197 -3.85 23.32 -10.60
N LYS C 198 -2.60 22.93 -10.36
CA LYS C 198 -1.48 23.55 -11.08
C LYS C 198 -1.47 23.17 -12.56
N SER C 199 -2.06 22.04 -12.93
CA SER C 199 -2.06 21.65 -14.34
C SER C 199 -2.97 22.54 -15.17
N LYS C 200 -4.10 22.95 -14.61
CA LYS C 200 -4.99 23.89 -15.29
C LYS C 200 -4.64 25.34 -14.98
N ALA C 201 -3.49 25.58 -14.35
CA ALA C 201 -3.01 26.92 -14.01
C ALA C 201 -4.04 27.67 -13.16
N PHE C 202 -4.21 27.17 -11.94
CA PHE C 202 -5.20 27.67 -11.00
C PHE C 202 -4.50 28.45 -9.89
N GLU C 203 -4.92 29.70 -9.70
CA GLU C 203 -4.36 30.56 -8.67
C GLU C 203 -5.34 30.68 -7.52
N MET C 204 -4.84 30.49 -6.30
CA MET C 204 -5.68 30.59 -5.10
C MET C 204 -5.60 32.01 -4.55
N ASN C 205 -6.25 32.91 -5.29
CA ASN C 205 -6.35 34.31 -4.88
C ASN C 205 -7.25 34.44 -3.66
N GLU C 206 -7.33 35.66 -3.13
CA GLU C 206 -8.09 35.88 -1.89
C GLU C 206 -9.55 35.50 -2.07
N ASP C 207 -10.11 35.73 -3.25
CA ASP C 207 -11.49 35.30 -3.51
C ASP C 207 -11.61 33.79 -3.54
N GLN C 208 -10.57 33.10 -4.01
CA GLN C 208 -10.58 31.63 -4.00
C GLN C 208 -10.25 31.08 -2.61
N VAL C 209 -9.44 31.80 -1.83
CA VAL C 209 -9.12 31.35 -0.48
C VAL C 209 -10.29 31.59 0.47
N LYS C 210 -11.09 32.64 0.24
CA LYS C 210 -12.23 32.90 1.11
C LYS C 210 -13.29 31.82 0.96
N LYS C 211 -13.62 31.46 -0.28
CA LYS C 211 -14.55 30.36 -0.51
C LYS C 211 -14.03 29.06 0.10
N GLY C 212 -12.72 28.84 0.04
CA GLY C 212 -12.15 27.67 0.66
C GLY C 212 -12.29 27.68 2.17
N LYS C 213 -12.11 28.86 2.78
CA LYS C 213 -12.25 28.97 4.23
C LYS C 213 -13.68 28.68 4.67
N GLU C 214 -14.67 29.02 3.84
CA GLU C 214 -16.05 28.66 4.15
C GLU C 214 -16.23 27.15 4.20
N TYR C 215 -15.77 26.45 3.15
CA TYR C 215 -15.86 25.00 3.14
C TYR C 215 -15.12 24.38 4.32
N ALA C 216 -13.99 24.98 4.72
CA ALA C 216 -13.22 24.44 5.82
C ALA C 216 -13.90 24.68 7.17
N ALA C 217 -14.65 25.77 7.29
CA ALA C 217 -15.35 26.05 8.54
C ALA C 217 -16.42 24.99 8.84
N ILE C 218 -17.03 24.43 7.80
CA ILE C 218 -18.07 23.42 8.00
C ILE C 218 -17.45 22.09 8.39
N LEU C 219 -16.32 21.72 7.77
CA LEU C 219 -15.69 20.43 8.08
C LEU C 219 -15.07 20.43 9.46
N SER C 220 -14.55 21.57 9.92
CA SER C 220 -14.02 21.65 11.28
C SER C 220 -15.12 21.44 12.31
N SER C 221 -16.28 22.04 12.07
CA SER C 221 -17.39 21.99 13.02
C SER C 221 -18.05 20.62 13.05
N SER C 222 -17.52 19.67 12.28
CA SER C 222 -18.08 18.33 12.25
C SER C 222 -17.69 17.57 13.52
N ASN C 223 -18.50 16.59 13.86
CA ASN C 223 -18.26 15.71 14.99
C ASN C 223 -18.21 14.31 14.50
N PRO C 224 -17.10 13.85 13.99
CA PRO C 224 -17.02 12.50 13.46
C PRO C 224 -17.46 11.52 14.49
N ASN C 225 -18.18 10.51 14.07
CA ASN C 225 -18.80 9.61 15.00
C ASN C 225 -17.96 8.35 15.13
N ALA C 226 -16.76 8.40 14.57
CA ALA C 226 -16.04 7.17 14.38
C ALA C 226 -15.02 6.97 15.45
N LYS C 227 -14.91 5.76 15.96
CA LYS C 227 -15.52 4.57 15.49
C LYS C 227 -14.67 3.60 16.25
N GLY C 228 -13.40 3.64 15.96
CA GLY C 228 -12.44 2.80 16.58
C GLY C 228 -12.11 3.15 17.99
N SER C 229 -11.63 4.35 18.24
CA SER C 229 -11.20 4.72 19.56
C SER C 229 -12.32 4.84 20.56
N ILE C 230 -13.52 4.58 20.12
CA ILE C 230 -14.69 4.83 20.87
C ILE C 230 -15.20 3.51 21.28
N ALA C 231 -14.93 2.53 20.46
CA ALA C 231 -15.31 1.21 20.78
C ALA C 231 -14.31 0.58 21.63
N MET C 232 -13.14 1.18 21.77
CA MET C 232 -12.13 0.62 22.57
C MET C 232 -12.42 0.94 23.96
N GLU C 233 -12.86 2.13 24.17
CA GLU C 233 -13.24 2.63 25.48
C GLU C 233 -14.34 1.85 26.14
N HIS C 234 -15.28 1.37 25.40
CA HIS C 234 -16.34 0.56 25.88
C HIS C 234 -15.95 -0.70 26.62
N TYR C 235 -14.89 -1.34 26.16
CA TYR C 235 -14.34 -2.64 26.51
C TYR C 235 -13.13 -2.48 27.38
N SER C 236 -12.91 -1.24 27.58
CA SER C 236 -11.84 -0.45 28.19
C SER C 236 -11.35 -1.03 29.51
N GLU C 237 -12.22 -1.03 30.53
CA GLU C 237 -11.82 -1.44 31.87
C GLU C 237 -11.39 -2.89 31.95
N THR C 238 -11.59 -3.69 30.90
CA THR C 238 -11.10 -5.06 30.85
C THR C 238 -10.00 -5.28 29.84
N LEU C 239 -9.83 -4.39 28.85
CA LEU C 239 -8.65 -4.45 28.01
C LEU C 239 -7.38 -4.25 28.84
N ASN C 240 -7.44 -3.35 29.81
CA ASN C 240 -6.28 -3.07 30.64
C ASN C 240 -5.97 -4.21 31.60
N LYS C 241 -6.93 -5.11 31.84
CA LYS C 241 -6.64 -6.34 32.56
C LYS C 241 -5.64 -7.21 31.80
N PHE C 242 -5.59 -7.08 30.48
CA PHE C 242 -4.66 -7.81 29.64
C PHE C 242 -3.39 -7.03 29.34
N TYR C 243 -3.49 -5.70 29.21
CA TYR C 243 -2.30 -4.87 29.19
C TYR C 243 -1.48 -5.07 30.46
N GLU C 244 -2.15 -5.09 31.60
CA GLU C 244 -1.46 -5.38 32.86
C GLU C 244 -0.75 -6.72 32.81
N MET C 245 -1.42 -7.75 32.28
CA MET C 245 -0.82 -9.07 32.18
C MET C 245 0.42 -9.08 31.30
N PHE C 246 0.60 -8.05 30.46
CA PHE C 246 1.72 -7.98 29.53
C PHE C 246 2.70 -6.86 29.89
N GLY C 247 2.67 -6.39 31.14
CA GLY C 247 3.65 -5.43 31.60
C GLY C 247 3.43 -4.00 31.14
N VAL C 248 2.25 -3.66 30.65
CA VAL C 248 1.90 -2.29 30.28
C VAL C 248 0.77 -1.83 31.19
N LYS C 249 0.99 -0.73 31.90
CA LYS C 249 -0.01 -0.18 32.82
C LYS C 249 -0.68 1.01 32.16
N LYS C 250 -1.89 0.80 31.66
CA LYS C 250 -2.63 1.86 31.00
C LYS C 250 -3.12 2.88 32.02
N GLN C 251 -3.01 4.16 31.68
CA GLN C 251 -3.42 5.23 32.57
C GLN C 251 -4.90 5.13 32.88
N ALA C 252 -5.25 5.51 34.11
CA ALA C 252 -6.65 5.67 34.48
C ALA C 252 -7.18 6.95 33.87
N LYS C 253 -8.33 6.87 33.20
CA LYS C 253 -8.91 8.02 32.51
C LYS C 253 -9.58 8.94 33.52
N LEU C 254 -9.41 10.24 33.30
CA LEU C 254 -9.66 11.24 34.32
C LEU C 254 -11.16 11.40 34.59
N ALA C 255 -11.45 12.03 35.73
CA ALA C 255 -12.79 12.49 36.01
C ALA C 255 -13.04 13.83 35.32
N GLU C 256 -14.31 14.18 35.17
CA GLU C 256 -14.66 15.47 34.61
C GLU C 256 -14.31 16.58 35.61
N LEU C 257 -14.30 17.82 35.12
CA LEU C 257 -14.00 18.98 35.97
C LEU C 257 -15.05 20.08 35.82
N ALA C 258 -16.33 19.81 36.12
CA ALA C 258 -16.92 18.50 36.36
C ALA C 258 -18.36 18.52 35.88
#